data_8OPR
#
_entry.id   8OPR
#
_cell.length_a   72.927
_cell.length_b   74.297
_cell.length_c   87.649
_cell.angle_alpha   107.85
_cell.angle_beta   101.14
_cell.angle_gamma   112.42
#
_symmetry.space_group_name_H-M   'P 1'
#
loop_
_entity.id
_entity.type
_entity.pdbx_description
1 polymer 'S-layer protein EA1'
2 polymer 'Nanobody 643'
3 polymer 'Nanobody 632'
4 non-polymer 'ACETATE ION'
5 non-polymer 'CALCIUM ION'
6 non-polymer 'SULFATE ION'
7 water water
#
loop_
_entity_poly.entity_id
_entity_poly.type
_entity_poly.pdbx_seq_one_letter_code
_entity_poly.pdbx_strand_id
1 'polypeptide(L)'
;MHHHHHHITSLYKKGQMAYVTDVKVSEPTKLTLTGTGLDKLSADDVTLEGDKAVAIEASTDGTSAVVTLGGKVAPNKDLT
VKVKNQSFVTKFVYEVKKLAVEKLTFDDDRAGQAIAFKLNDEKGNADVEYLNLANHDVKFVANNLDGSPANIFEGGEATS
TTGKLAVGIKQGDYKVEVQVTKRGGLTVSNTGIITVKNLDTPASAIKNVVFALDADNDGVVNYGSKLSGKDFALNSQNLV
VGEKASLNKLVATIAGEDKVVDPGSISIKSSNHGIISVVNNYITAEAAGEATLTIKVGDVTKDVKFKVTTDSRKLVSVKA
NPDKLQVVQNKTLPVTFVTTDQYGDPFGANTAAIKEVLPKTGVVAEGGLDVVTTDSGSIGTKTIGVTGNDVGEGTVHFQN
GNGATLGSLYVNVTEGNVAFKNFELVSKVGQYGQSPDTKLDLNVSTTVEYQLSKYTSDRVYSDPENLEGYEVESKNLAVA
DAKIVGNKVVVTGKTPGKVDIHLTKNGATAGKATVEIVQETIAIKSVNFKPVQTENFVEKKINIGTVLELEKSNLDDIVK
GINLTKETQHKVRVVKSGAEQGKLYLDRNGDAVFNAGDVKLGDVTVSQTSDSALPNFKADLYDTLTTKYLDKGTLVFKVL
KDKDVITSEIGSQAVHVNVLNNPNL
;
A
2 'polypeptide(L)'
;QVQLVESGGGLVQPGGSLRLSCAASGIAFSRNAVGWYRQAPGKQRELVARSNTVGATNYADSVKGRFTISRDNDKSTVYL
QMNSLKPEDTAVYYCNIYLYGDRTGSTLNSWGQGTQVTVSSHHHHHH
;
B
3 'polypeptide(L)'
;QVQLVESGGGLVQAGGSLRLSCVASGGTFSNYGMGWFRQAPGKEREFVAAVRWSGDSTYYSDSVKGRFTISRDNAKNTVY
LQMNGLKPEDTAVYYCARRLNWRFISNWDKESEYAYWGQGTQVTVSSHHHHHH
;
C
#
loop_
_chem_comp.id
_chem_comp.type
_chem_comp.name
_chem_comp.formula
ACT non-polymer 'ACETATE ION' 'C2 H3 O2 -1'
CA non-polymer 'CALCIUM ION' 'Ca 2'
SO4 non-polymer 'SULFATE ION' 'O4 S -2'
#
# COMPACT_ATOMS: atom_id res chain seq x y z
N GLY A 15 -2.50 27.28 -34.60
CA GLY A 15 -2.42 27.14 -33.15
C GLY A 15 -1.20 27.79 -32.53
N GLN A 16 -0.90 27.48 -31.27
CA GLN A 16 0.23 28.08 -30.56
C GLN A 16 1.57 27.52 -31.04
N MET A 17 2.56 28.41 -31.18
CA MET A 17 3.91 28.02 -31.59
C MET A 17 4.55 27.24 -30.43
N ALA A 18 4.74 25.94 -30.61
CA ALA A 18 5.43 25.12 -29.64
C ALA A 18 6.65 24.62 -30.39
N TYR A 19 7.86 24.99 -29.94
CA TYR A 19 9.08 24.62 -30.66
C TYR A 19 10.03 23.76 -29.81
N VAL A 20 10.33 22.56 -30.29
CA VAL A 20 11.20 21.64 -29.59
C VAL A 20 12.60 21.77 -30.15
N THR A 21 13.56 22.06 -29.29
CA THR A 21 14.96 22.15 -29.66
C THR A 21 15.77 20.87 -29.29
N ASP A 22 15.26 20.04 -28.38
CA ASP A 22 15.96 18.82 -27.98
C ASP A 22 15.00 17.79 -27.41
N VAL A 23 15.17 16.51 -27.78
CA VAL A 23 14.40 15.35 -27.31
C VAL A 23 15.40 14.36 -26.70
N LYS A 24 15.18 13.94 -25.47
CA LYS A 24 16.07 12.99 -24.80
C LYS A 24 15.22 11.97 -24.01
N VAL A 25 15.52 10.66 -24.12
CA VAL A 25 14.80 9.65 -23.33
C VAL A 25 15.52 9.62 -22.00
N SER A 26 14.91 10.19 -20.96
CA SER A 26 15.60 10.31 -19.66
C SER A 26 15.37 9.13 -18.71
N GLU A 27 14.38 8.32 -19.00
CA GLU A 27 13.95 7.19 -18.19
C GLU A 27 13.32 6.14 -19.10
N PRO A 28 13.22 4.87 -18.63
CA PRO A 28 12.59 3.84 -19.47
C PRO A 28 11.22 4.23 -20.04
N THR A 29 10.43 5.02 -19.30
CA THR A 29 9.10 5.41 -19.76
C THR A 29 8.91 6.90 -20.08
N LYS A 30 9.96 7.72 -19.98
CA LYS A 30 9.78 9.16 -20.18
C LYS A 30 10.77 9.87 -21.10
N LEU A 31 10.26 10.85 -21.86
CA LEU A 31 11.04 11.73 -22.72
C LEU A 31 11.11 13.08 -22.03
N THR A 32 12.22 13.80 -22.19
CA THR A 32 12.32 15.17 -21.74
C THR A 32 12.54 16.03 -22.99
N LEU A 33 11.63 16.98 -23.22
CA LEU A 33 11.69 17.89 -24.33
C LEU A 33 12.22 19.23 -23.84
N THR A 34 13.01 19.90 -24.65
CA THR A 34 13.54 21.23 -24.37
C THR A 34 13.01 22.10 -25.49
N GLY A 35 12.67 23.34 -25.19
CA GLY A 35 12.18 24.25 -26.22
C GLY A 35 11.40 25.42 -25.68
N THR A 36 10.45 25.91 -26.46
CA THR A 36 9.65 27.07 -26.07
C THR A 36 8.17 26.78 -26.31
N GLY A 37 7.33 27.35 -25.46
CA GLY A 37 5.88 27.19 -25.58
C GLY A 37 5.44 25.75 -25.39
N LEU A 38 6.22 24.96 -24.64
CA LEU A 38 5.87 23.54 -24.44
C LEU A 38 4.65 23.36 -23.52
N ASP A 39 4.23 24.42 -22.78
CA ASP A 39 2.99 24.43 -21.98
C ASP A 39 1.72 24.34 -22.87
N LYS A 40 1.85 24.64 -24.16
CA LYS A 40 0.77 24.57 -25.13
C LYS A 40 0.72 23.22 -25.85
N LEU A 41 1.59 22.26 -25.47
CA LEU A 41 1.57 20.95 -26.09
C LEU A 41 0.65 20.03 -25.31
N SER A 42 -0.17 19.26 -26.02
CA SER A 42 -0.97 18.24 -25.37
C SER A 42 -0.24 16.89 -25.56
N ALA A 43 -0.59 15.86 -24.76
CA ALA A 43 0.00 14.53 -24.88
C ALA A 43 -0.13 13.97 -26.30
N ASP A 44 -1.28 14.24 -26.96
CA ASP A 44 -1.63 13.83 -28.33
C ASP A 44 -0.72 14.41 -29.40
N ASP A 45 -0.05 15.54 -29.09
CA ASP A 45 0.87 16.17 -30.04
C ASP A 45 2.20 15.41 -30.20
N VAL A 46 2.53 14.53 -29.22
CA VAL A 46 3.79 13.78 -29.19
C VAL A 46 3.56 12.30 -29.48
N THR A 47 4.26 11.76 -30.49
CA THR A 47 4.12 10.36 -30.85
C THR A 47 5.50 9.70 -30.91
N LEU A 48 5.65 8.57 -30.26
CA LEU A 48 6.91 7.81 -30.29
C LEU A 48 6.60 6.46 -30.87
N GLU A 49 7.31 6.09 -31.96
CA GLU A 49 7.14 4.83 -32.69
C GLU A 49 5.68 4.47 -33.01
N GLY A 50 4.84 5.48 -33.26
CA GLY A 50 3.45 5.27 -33.64
C GLY A 50 2.43 5.41 -32.52
N ASP A 51 2.89 5.54 -31.27
CA ASP A 51 1.98 5.69 -30.15
C ASP A 51 2.02 7.10 -29.57
N LYS A 52 0.84 7.70 -29.36
CA LYS A 52 0.77 9.00 -28.73
C LYS A 52 1.18 8.87 -27.26
N ALA A 53 1.77 9.92 -26.71
CA ALA A 53 2.17 9.92 -25.29
C ALA A 53 0.91 9.84 -24.41
N VAL A 54 1.05 9.37 -23.17
CA VAL A 54 -0.11 9.25 -22.29
C VAL A 54 -0.26 10.46 -21.35
N ALA A 55 0.85 11.13 -21.01
CA ALA A 55 0.81 12.31 -20.17
C ALA A 55 1.95 13.27 -20.56
N ILE A 56 1.75 14.56 -20.31
CA ILE A 56 2.75 15.58 -20.59
C ILE A 56 2.70 16.58 -19.45
N GLU A 57 3.85 16.88 -18.87
CA GLU A 57 3.95 17.82 -17.77
C GLU A 57 5.02 18.85 -18.11
N ALA A 58 4.59 20.02 -18.59
CA ALA A 58 5.49 21.09 -18.94
C ALA A 58 5.88 21.89 -17.70
N SER A 59 7.04 22.58 -17.75
CA SER A 59 7.44 23.49 -16.67
C SER A 59 6.55 24.77 -16.77
N THR A 60 6.57 25.66 -15.74
CA THR A 60 5.73 26.87 -15.79
C THR A 60 6.18 27.83 -16.90
N ASP A 61 7.50 27.94 -17.15
CA ASP A 61 8.01 28.79 -18.22
C ASP A 61 7.83 28.18 -19.65
N GLY A 62 7.39 26.93 -19.72
CA GLY A 62 7.20 26.19 -20.96
C GLY A 62 8.49 25.84 -21.69
N THR A 63 9.64 25.89 -21.00
CA THR A 63 10.92 25.60 -21.66
C THR A 63 11.31 24.10 -21.64
N SER A 64 10.63 23.30 -20.84
CA SER A 64 10.85 21.85 -20.77
C SER A 64 9.53 21.15 -20.47
N ALA A 65 9.48 19.86 -20.76
CA ALA A 65 8.29 19.05 -20.56
C ALA A 65 8.68 17.60 -20.41
N VAL A 66 8.06 16.92 -19.46
CA VAL A 66 8.27 15.49 -19.25
C VAL A 66 7.10 14.80 -19.88
N VAL A 67 7.39 13.90 -20.80
CA VAL A 67 6.37 13.19 -21.55
C VAL A 67 6.37 11.73 -21.09
N THR A 68 5.24 11.27 -20.57
CA THR A 68 5.09 9.89 -20.13
C THR A 68 4.59 9.05 -21.32
N LEU A 69 5.31 7.97 -21.63
CA LEU A 69 4.99 7.07 -22.72
C LEU A 69 4.14 5.89 -22.19
N GLY A 70 3.34 5.31 -23.06
CA GLY A 70 2.54 4.13 -22.72
C GLY A 70 3.32 2.82 -22.76
N GLY A 71 4.51 2.79 -22.17
CA GLY A 71 5.34 1.60 -22.15
C GLY A 71 6.80 1.91 -21.84
N LYS A 72 7.64 0.86 -21.83
CA LYS A 72 9.08 1.02 -21.61
C LYS A 72 9.80 0.99 -22.96
N VAL A 73 10.98 1.64 -23.03
CA VAL A 73 11.74 1.64 -24.29
C VAL A 73 12.97 0.72 -24.18
N ALA A 74 13.36 0.14 -25.30
CA ALA A 74 14.54 -0.71 -25.40
C ALA A 74 15.73 0.22 -25.57
N PRO A 75 16.73 0.16 -24.68
CA PRO A 75 17.90 1.07 -24.81
C PRO A 75 18.71 0.78 -26.07
N ASN A 76 19.42 1.81 -26.59
CA ASN A 76 20.28 1.76 -27.78
C ASN A 76 19.53 1.31 -29.06
N LYS A 77 18.25 1.68 -29.17
CA LYS A 77 17.45 1.39 -30.35
C LYS A 77 16.90 2.72 -30.90
N ASP A 78 16.96 2.92 -32.22
CA ASP A 78 16.50 4.13 -32.86
C ASP A 78 15.01 4.35 -32.66
N LEU A 79 14.65 5.52 -32.08
CA LEU A 79 13.26 5.87 -31.82
C LEU A 79 12.90 7.11 -32.61
N THR A 80 11.77 7.08 -33.32
CA THR A 80 11.30 8.26 -34.05
C THR A 80 10.26 8.96 -33.18
N VAL A 81 10.54 10.20 -32.82
CA VAL A 81 9.65 10.99 -32.00
C VAL A 81 9.15 12.14 -32.86
N LYS A 82 7.84 12.34 -32.88
CA LYS A 82 7.23 13.43 -33.64
C LYS A 82 6.52 14.32 -32.67
N VAL A 83 6.74 15.63 -32.75
CA VAL A 83 6.03 16.59 -31.92
C VAL A 83 5.47 17.57 -32.93
N LYS A 84 4.13 17.56 -33.17
CA LYS A 84 3.48 18.38 -34.19
C LYS A 84 4.16 18.14 -35.59
N ASN A 85 4.61 19.17 -36.33
CA ASN A 85 5.28 18.96 -37.62
C ASN A 85 6.78 18.64 -37.48
N GLN A 86 7.34 18.62 -36.25
CA GLN A 86 8.76 18.32 -36.06
C GLN A 86 9.03 16.86 -35.85
N SER A 87 10.15 16.37 -36.35
CA SER A 87 10.52 14.97 -36.23
C SER A 87 11.97 14.82 -35.72
N PHE A 88 12.21 13.83 -34.84
CA PHE A 88 13.50 13.58 -34.21
C PHE A 88 13.81 12.09 -34.17
N VAL A 89 15.08 11.75 -34.29
CA VAL A 89 15.53 10.39 -34.13
C VAL A 89 16.43 10.39 -32.92
N THR A 90 16.07 9.64 -31.89
CA THR A 90 16.85 9.57 -30.67
C THR A 90 17.12 8.09 -30.27
N LYS A 91 17.91 7.87 -29.24
CA LYS A 91 18.27 6.56 -28.70
C LYS A 91 18.36 6.69 -27.20
N PHE A 92 17.82 5.73 -26.47
CA PHE A 92 17.89 5.76 -25.01
C PHE A 92 19.23 5.18 -24.53
N VAL A 93 20.10 6.03 -23.98
CA VAL A 93 21.34 5.53 -23.40
C VAL A 93 21.16 5.53 -21.87
N TYR A 94 20.80 4.36 -21.33
CA TYR A 94 20.54 4.23 -19.91
C TYR A 94 21.84 4.34 -19.13
N GLU A 95 22.06 5.47 -18.48
CA GLU A 95 23.27 5.66 -17.70
C GLU A 95 22.91 5.73 -16.24
N VAL A 96 23.24 4.66 -15.50
CA VAL A 96 23.01 4.64 -14.07
C VAL A 96 24.16 5.43 -13.44
N LYS A 97 23.82 6.55 -12.80
CA LYS A 97 24.79 7.45 -12.16
C LYS A 97 24.71 7.31 -10.63
N LYS A 98 23.49 7.15 -10.10
CA LYS A 98 23.30 7.00 -8.66
C LYS A 98 22.20 5.97 -8.33
N LEU A 99 22.16 5.55 -7.06
CA LEU A 99 21.27 4.52 -6.59
C LEU A 99 20.89 4.80 -5.15
N ALA A 100 19.65 4.51 -4.76
CA ALA A 100 19.20 4.67 -3.38
C ALA A 100 18.46 3.42 -2.90
N VAL A 101 18.95 2.79 -1.83
CA VAL A 101 18.32 1.59 -1.27
C VAL A 101 17.24 2.06 -0.28
N GLU A 102 15.99 1.62 -0.45
CA GLU A 102 14.92 2.04 0.45
C GLU A 102 15.03 1.49 1.86
N LYS A 103 14.74 2.34 2.85
CA LYS A 103 14.79 1.96 4.27
C LYS A 103 13.46 1.31 4.61
N LEU A 104 13.20 0.12 4.05
CA LEU A 104 11.94 -0.58 4.22
C LEU A 104 11.91 -1.55 5.39
N THR A 105 10.70 -1.88 5.85
CA THR A 105 10.49 -2.87 6.90
C THR A 105 9.78 -4.07 6.28
N PHE A 106 10.29 -5.27 6.55
CA PHE A 106 9.76 -6.51 6.03
C PHE A 106 9.27 -7.45 7.15
N ASP A 107 8.51 -8.50 6.76
CA ASP A 107 7.98 -9.52 7.67
C ASP A 107 9.00 -10.65 7.79
N ASP A 108 9.04 -11.29 8.96
CA ASP A 108 9.95 -12.42 9.20
C ASP A 108 9.50 -13.74 8.55
N ASP A 109 8.27 -13.80 8.02
CA ASP A 109 7.71 -14.98 7.37
C ASP A 109 6.62 -14.54 6.39
N ARG A 110 7.00 -14.09 5.19
CA ARG A 110 6.05 -13.64 4.17
C ARG A 110 6.65 -13.80 2.76
N ALA A 111 5.86 -14.32 1.83
CA ALA A 111 6.32 -14.51 0.45
C ALA A 111 6.08 -13.25 -0.40
N GLY A 112 6.79 -13.14 -1.51
CA GLY A 112 6.65 -12.00 -2.40
C GLY A 112 7.27 -10.70 -1.89
N GLN A 113 8.38 -10.79 -1.16
CA GLN A 113 9.07 -9.61 -0.65
C GLN A 113 10.40 -9.43 -1.38
N ALA A 114 10.72 -8.21 -1.80
CA ALA A 114 11.99 -7.94 -2.49
C ALA A 114 12.62 -6.64 -1.99
N ILE A 115 13.95 -6.54 -2.08
CA ILE A 115 14.70 -5.35 -1.69
C ILE A 115 14.40 -4.32 -2.76
N ALA A 116 13.83 -3.17 -2.35
CA ALA A 116 13.52 -2.11 -3.29
C ALA A 116 14.66 -1.08 -3.36
N PHE A 117 14.83 -0.47 -4.54
CA PHE A 117 15.84 0.56 -4.77
C PHE A 117 15.43 1.47 -5.93
N LYS A 118 15.98 2.69 -5.97
CA LYS A 118 15.66 3.64 -7.04
C LYS A 118 16.94 4.06 -7.73
N LEU A 119 16.87 4.20 -9.05
CA LEU A 119 18.02 4.64 -9.82
C LEU A 119 17.90 6.10 -10.20
N ASN A 120 19.03 6.82 -10.23
CA ASN A 120 19.08 8.22 -10.64
C ASN A 120 18.04 9.09 -9.87
N ASP A 121 17.22 9.93 -10.54
CA ASP A 121 16.19 10.70 -9.84
C ASP A 121 14.81 10.15 -10.23
N GLU A 122 14.72 8.85 -10.55
CA GLU A 122 13.47 8.25 -10.96
C GLU A 122 12.55 8.13 -9.78
N LYS A 123 11.26 8.28 -10.07
CA LYS A 123 10.20 8.06 -9.11
C LYS A 123 9.85 6.58 -9.26
N GLY A 124 9.63 5.92 -8.14
CA GLY A 124 9.29 4.50 -8.18
C GLY A 124 10.49 3.59 -8.30
N ASN A 125 10.30 2.37 -7.82
CA ASN A 125 11.33 1.36 -7.77
C ASN A 125 11.85 0.87 -9.12
N ALA A 126 13.15 0.56 -9.15
CA ALA A 126 13.82 -0.02 -10.31
C ALA A 126 13.29 -1.45 -10.51
N ASP A 127 13.14 -1.83 -11.78
CA ASP A 127 12.66 -3.15 -12.16
C ASP A 127 13.90 -3.95 -12.57
N VAL A 128 14.34 -4.92 -11.73
CA VAL A 128 15.54 -5.73 -11.98
C VAL A 128 15.47 -6.48 -13.31
N GLU A 129 14.29 -7.01 -13.65
CA GLU A 129 14.05 -7.70 -14.93
C GLU A 129 14.26 -6.72 -16.09
N TYR A 130 13.73 -5.47 -15.96
CA TYR A 130 13.94 -4.45 -17.00
C TYR A 130 15.43 -4.07 -17.09
N LEU A 131 16.10 -3.89 -15.95
CA LEU A 131 17.53 -3.59 -15.90
C LEU A 131 18.34 -4.67 -16.59
N ASN A 132 17.96 -5.95 -16.45
CA ASN A 132 18.61 -7.08 -17.14
C ASN A 132 18.43 -6.94 -18.67
N LEU A 133 17.20 -6.65 -19.13
CA LEU A 133 16.93 -6.41 -20.56
C LEU A 133 17.68 -5.15 -21.07
N ALA A 134 17.98 -4.18 -20.17
CA ALA A 134 18.70 -2.94 -20.48
C ALA A 134 20.24 -3.08 -20.32
N ASN A 135 20.73 -4.33 -20.33
CA ASN A 135 22.13 -4.75 -20.23
C ASN A 135 22.80 -4.33 -18.92
N HIS A 136 22.06 -4.41 -17.82
CA HIS A 136 22.60 -4.10 -16.49
C HIS A 136 22.37 -5.29 -15.55
N ASP A 137 23.41 -5.70 -14.82
CA ASP A 137 23.27 -6.78 -13.84
C ASP A 137 23.16 -6.19 -12.43
N VAL A 138 22.39 -6.86 -11.56
CA VAL A 138 22.19 -6.35 -10.21
C VAL A 138 22.64 -7.37 -9.16
N LYS A 139 23.41 -6.93 -8.16
CA LYS A 139 23.87 -7.82 -7.11
C LYS A 139 23.51 -7.23 -5.76
N PHE A 140 22.95 -8.04 -4.88
CA PHE A 140 22.51 -7.63 -3.57
C PHE A 140 23.38 -8.32 -2.54
N VAL A 141 23.83 -7.60 -1.50
CA VAL A 141 24.67 -8.19 -0.46
C VAL A 141 24.10 -7.84 0.89
N ALA A 142 23.60 -8.83 1.64
CA ALA A 142 23.03 -8.57 2.96
C ALA A 142 24.09 -8.73 4.04
N ASN A 143 23.99 -7.93 5.09
CA ASN A 143 24.95 -7.97 6.18
C ASN A 143 24.26 -7.65 7.49
N ASN A 144 24.73 -8.26 8.57
CA ASN A 144 24.26 -7.91 9.91
C ASN A 144 24.96 -6.56 10.22
N LEU A 145 24.42 -5.75 11.15
CA LEU A 145 25.02 -4.44 11.44
C LEU A 145 26.51 -4.54 11.85
N ASP A 146 26.92 -5.68 12.42
CA ASP A 146 28.33 -5.92 12.77
C ASP A 146 29.24 -6.29 11.58
N GLY A 147 28.73 -6.19 10.36
CA GLY A 147 29.50 -6.47 9.15
C GLY A 147 29.51 -7.90 8.65
N SER A 148 29.10 -8.86 9.47
CA SER A 148 29.11 -10.28 9.07
C SER A 148 27.97 -10.59 8.08
N PRO A 149 28.11 -11.63 7.20
CA PRO A 149 27.03 -11.92 6.25
C PRO A 149 25.67 -12.26 6.90
N ALA A 150 24.58 -11.92 6.21
CA ALA A 150 23.24 -12.21 6.71
C ALA A 150 22.48 -13.07 5.68
N ASN A 151 22.02 -14.26 6.07
CA ASN A 151 21.30 -15.14 5.15
C ASN A 151 19.79 -14.79 5.04
N ILE A 152 19.47 -13.64 4.42
CA ILE A 152 18.08 -13.20 4.32
C ILE A 152 17.47 -13.35 2.93
N PHE A 153 18.29 -13.55 1.89
CA PHE A 153 17.79 -13.72 0.53
C PHE A 153 17.32 -15.15 0.28
N GLU A 154 16.43 -15.32 -0.71
CA GLU A 154 15.85 -16.60 -1.15
C GLU A 154 16.90 -17.71 -1.20
N GLY A 155 16.59 -18.83 -0.55
CA GLY A 155 17.50 -19.96 -0.44
C GLY A 155 18.42 -19.89 0.77
N GLY A 156 18.09 -19.03 1.74
CA GLY A 156 18.90 -18.82 2.95
C GLY A 156 20.28 -18.31 2.60
N GLU A 157 20.33 -17.25 1.78
CA GLU A 157 21.59 -16.74 1.27
C GLU A 157 21.91 -15.30 1.60
N ALA A 158 23.21 -14.97 1.56
CA ALA A 158 23.69 -13.62 1.83
C ALA A 158 23.78 -12.78 0.57
N THR A 159 23.80 -13.40 -0.63
CA THR A 159 23.81 -12.63 -1.88
C THR A 159 22.58 -12.97 -2.75
N SER A 160 22.25 -12.08 -3.72
CA SER A 160 21.12 -12.24 -4.62
C SER A 160 21.35 -11.52 -5.94
N THR A 161 20.71 -12.00 -7.00
CA THR A 161 20.72 -11.33 -8.30
C THR A 161 19.34 -10.74 -8.65
N THR A 162 18.34 -10.89 -7.74
CA THR A 162 16.97 -10.46 -7.96
C THR A 162 16.46 -9.52 -6.86
N GLY A 163 16.90 -9.76 -5.63
CA GLY A 163 16.48 -9.00 -4.46
C GLY A 163 15.42 -9.67 -3.61
N LYS A 164 14.89 -10.81 -4.08
CA LYS A 164 13.85 -11.55 -3.39
C LYS A 164 14.31 -12.11 -2.04
N LEU A 165 13.51 -11.86 -0.99
CA LEU A 165 13.83 -12.31 0.34
C LEU A 165 13.25 -13.68 0.64
N ALA A 166 13.93 -14.43 1.50
CA ALA A 166 13.56 -15.75 1.93
C ALA A 166 12.30 -15.72 2.83
N VAL A 167 11.62 -16.88 2.98
CA VAL A 167 10.46 -16.96 3.84
C VAL A 167 10.93 -17.65 5.10
N GLY A 168 11.29 -16.85 6.10
CA GLY A 168 11.84 -17.33 7.36
C GLY A 168 13.14 -16.63 7.68
N ILE A 169 13.06 -15.32 7.96
CA ILE A 169 14.22 -14.50 8.25
C ILE A 169 14.33 -14.20 9.75
N LYS A 170 15.54 -14.34 10.35
CA LYS A 170 15.75 -14.04 11.77
C LYS A 170 15.55 -12.54 11.96
N GLN A 171 14.67 -12.13 12.87
CA GLN A 171 14.39 -10.71 13.09
C GLN A 171 15.60 -9.87 13.52
N GLY A 172 15.57 -8.60 13.15
CA GLY A 172 16.62 -7.63 13.46
C GLY A 172 16.74 -6.55 12.42
N ASP A 173 17.89 -5.87 12.39
CA ASP A 173 18.16 -4.84 11.39
C ASP A 173 19.25 -5.35 10.45
N TYR A 174 19.18 -4.99 9.16
CA TYR A 174 20.18 -5.44 8.19
C TYR A 174 20.68 -4.33 7.30
N LYS A 175 21.96 -4.43 6.90
CA LYS A 175 22.57 -3.48 5.98
C LYS A 175 22.68 -4.18 4.64
N VAL A 176 21.98 -3.69 3.63
CA VAL A 176 21.99 -4.31 2.31
C VAL A 176 22.63 -3.39 1.29
N GLU A 177 23.45 -3.94 0.40
CA GLU A 177 24.07 -3.17 -0.66
C GLU A 177 23.55 -3.60 -2.01
N VAL A 178 23.17 -2.64 -2.86
CA VAL A 178 22.73 -2.95 -4.21
C VAL A 178 23.81 -2.45 -5.16
N GLN A 179 24.31 -3.31 -6.06
CA GLN A 179 25.32 -2.94 -7.03
C GLN A 179 24.75 -3.17 -8.42
N VAL A 180 24.64 -2.11 -9.22
CA VAL A 180 24.14 -2.21 -10.59
C VAL A 180 25.31 -1.98 -11.52
N THR A 181 25.62 -2.95 -12.38
CA THR A 181 26.75 -2.82 -13.29
C THR A 181 26.30 -2.96 -14.75
N LYS A 182 26.67 -1.97 -15.58
CA LYS A 182 26.43 -1.97 -17.01
C LYS A 182 27.33 -3.08 -17.60
N ARG A 183 26.78 -3.97 -18.46
CA ARG A 183 27.57 -5.07 -19.02
C ARG A 183 28.77 -4.56 -19.82
N GLY A 184 29.97 -4.86 -19.31
CA GLY A 184 31.22 -4.38 -19.88
C GLY A 184 31.54 -2.92 -19.56
N GLY A 185 30.85 -2.36 -18.56
CA GLY A 185 30.99 -0.98 -18.11
C GLY A 185 31.22 -0.85 -16.62
N LEU A 186 30.90 0.31 -16.04
CA LEU A 186 31.16 0.56 -14.61
C LEU A 186 30.00 0.17 -13.67
N THR A 187 30.33 -0.08 -12.39
CA THR A 187 29.38 -0.47 -11.35
C THR A 187 29.03 0.74 -10.50
N VAL A 188 27.75 0.89 -10.19
CA VAL A 188 27.21 1.94 -9.33
C VAL A 188 26.56 1.24 -8.16
N SER A 189 27.00 1.56 -6.95
CA SER A 189 26.50 0.89 -5.76
C SER A 189 26.25 1.82 -4.59
N ASN A 190 25.28 1.46 -3.76
CA ASN A 190 24.96 2.20 -2.55
C ASN A 190 24.40 1.24 -1.50
N THR A 191 24.41 1.67 -0.25
CA THR A 191 23.96 0.86 0.87
C THR A 191 22.67 1.41 1.50
N GLY A 192 22.01 0.57 2.28
CA GLY A 192 20.77 0.93 2.96
C GLY A 192 20.48 0.06 4.16
N ILE A 193 19.66 0.55 5.09
CA ILE A 193 19.30 -0.23 6.28
C ILE A 193 17.84 -0.61 6.25
N ILE A 194 17.59 -1.92 6.23
CA ILE A 194 16.24 -2.48 6.25
C ILE A 194 15.95 -3.07 7.62
N THR A 195 14.67 -3.18 7.97
CA THR A 195 14.27 -3.74 9.26
C THR A 195 13.43 -5.01 9.05
N VAL A 196 13.76 -6.09 9.75
CA VAL A 196 12.97 -7.33 9.68
C VAL A 196 12.18 -7.46 10.98
N LYS A 197 10.89 -7.14 10.91
CA LYS A 197 9.98 -7.13 12.05
C LYS A 197 8.88 -8.21 11.88
N ASN A 198 7.91 -8.24 12.82
CA ASN A 198 6.78 -9.14 12.76
C ASN A 198 5.61 -8.28 12.30
N LEU A 199 5.53 -7.99 10.99
CA LEU A 199 4.46 -7.16 10.42
C LEU A 199 3.10 -7.82 10.64
N ASP A 200 3.07 -9.20 10.56
CA ASP A 200 1.92 -10.09 10.76
C ASP A 200 0.83 -9.54 11.67
N THR A 201 -0.43 -9.82 11.30
CA THR A 201 -1.55 -9.39 12.11
C THR A 201 -1.58 -10.28 13.37
N PRO A 202 -1.45 -9.66 14.57
CA PRO A 202 -1.42 -10.46 15.81
C PRO A 202 -2.82 -10.86 16.24
N ALA A 203 -3.44 -11.75 15.45
CA ALA A 203 -4.81 -12.14 15.69
C ALA A 203 -4.91 -13.28 16.67
N SER A 204 -5.93 -13.23 17.52
CA SER A 204 -6.23 -14.27 18.49
C SER A 204 -7.39 -15.20 17.99
N ALA A 205 -8.22 -14.71 17.04
CA ALA A 205 -9.34 -15.47 16.50
C ALA A 205 -9.76 -14.92 15.15
N ILE A 206 -10.37 -15.77 14.30
CA ILE A 206 -10.94 -15.35 13.03
C ILE A 206 -12.46 -15.45 13.20
N LYS A 207 -13.15 -14.36 13.03
CA LYS A 207 -14.58 -14.30 13.16
C LYS A 207 -15.18 -14.53 11.75
N ASN A 208 -15.96 -13.60 11.23
CA ASN A 208 -16.60 -13.63 9.93
C ASN A 208 -15.61 -13.69 8.76
N VAL A 209 -15.84 -14.62 7.82
CA VAL A 209 -15.06 -14.72 6.59
C VAL A 209 -16.07 -14.61 5.46
N VAL A 210 -16.04 -13.50 4.72
CA VAL A 210 -17.00 -13.27 3.67
C VAL A 210 -16.36 -13.41 2.32
N PHE A 211 -16.79 -14.43 1.57
CA PHE A 211 -16.35 -14.64 0.19
C PHE A 211 -17.36 -13.99 -0.74
N ALA A 212 -16.90 -13.51 -1.87
CA ALA A 212 -17.74 -12.91 -2.87
C ALA A 212 -17.44 -13.52 -4.22
N LEU A 213 -18.49 -13.81 -4.99
CA LEU A 213 -18.34 -14.33 -6.32
C LEU A 213 -17.89 -13.24 -7.28
N ASP A 214 -16.92 -13.52 -8.12
CA ASP A 214 -16.55 -12.63 -9.21
C ASP A 214 -17.55 -13.00 -10.30
N ALA A 215 -18.79 -12.54 -10.13
CA ALA A 215 -19.91 -12.93 -10.98
C ALA A 215 -19.81 -12.45 -12.41
N ASP A 216 -19.11 -11.36 -12.65
CA ASP A 216 -18.92 -10.88 -14.02
C ASP A 216 -17.57 -11.34 -14.63
N ASN A 217 -16.85 -12.26 -13.96
CA ASN A 217 -15.59 -12.81 -14.40
C ASN A 217 -14.60 -11.72 -14.92
N ASP A 218 -14.45 -10.61 -14.20
CA ASP A 218 -13.55 -9.53 -14.62
C ASP A 218 -12.19 -9.50 -13.86
N GLY A 219 -11.96 -10.47 -12.96
CA GLY A 219 -10.74 -10.53 -12.18
C GLY A 219 -10.70 -9.56 -11.00
N VAL A 220 -11.74 -8.75 -10.83
CA VAL A 220 -11.80 -7.78 -9.74
C VAL A 220 -12.87 -8.18 -8.74
N VAL A 221 -12.51 -8.32 -7.45
CA VAL A 221 -13.47 -8.56 -6.37
C VAL A 221 -13.04 -7.61 -5.29
N ASN A 222 -13.85 -6.55 -5.04
CA ASN A 222 -13.49 -5.59 -4.01
C ASN A 222 -13.46 -6.19 -2.63
N TYR A 223 -12.48 -5.75 -1.86
CA TYR A 223 -12.26 -6.11 -0.48
C TYR A 223 -12.39 -4.82 0.36
N GLY A 224 -13.07 -4.91 1.49
CA GLY A 224 -13.23 -3.81 2.44
C GLY A 224 -14.13 -2.67 1.98
N SER A 225 -14.80 -2.85 0.84
CA SER A 225 -15.72 -1.87 0.33
C SER A 225 -16.87 -2.58 -0.43
N LYS A 226 -17.84 -1.80 -0.90
CA LYS A 226 -18.96 -2.31 -1.65
C LYS A 226 -18.47 -2.98 -2.96
N LEU A 227 -19.05 -4.12 -3.27
CA LEU A 227 -18.74 -4.86 -4.47
C LEU A 227 -19.18 -4.07 -5.72
N SER A 228 -18.63 -4.39 -6.86
CA SER A 228 -18.88 -3.67 -8.10
C SER A 228 -19.35 -4.64 -9.19
N GLY A 229 -19.98 -4.12 -10.22
CA GLY A 229 -20.48 -4.94 -11.31
C GLY A 229 -21.57 -5.89 -10.82
N LYS A 230 -21.46 -7.17 -11.25
CA LYS A 230 -22.39 -8.24 -10.90
C LYS A 230 -21.99 -8.99 -9.61
N ASP A 231 -20.83 -8.69 -9.02
CA ASP A 231 -20.33 -9.34 -7.82
C ASP A 231 -21.25 -9.29 -6.62
N PHE A 232 -21.31 -10.40 -5.89
CA PHE A 232 -22.16 -10.49 -4.71
C PHE A 232 -21.47 -11.30 -3.63
N ALA A 233 -21.82 -11.01 -2.38
CA ALA A 233 -21.24 -11.74 -1.26
C ALA A 233 -22.02 -13.03 -1.12
N LEU A 234 -21.33 -14.14 -1.01
CA LEU A 234 -21.96 -15.43 -0.84
C LEU A 234 -22.48 -15.54 0.59
N ASN A 235 -23.60 -16.19 0.72
CA ASN A 235 -24.15 -16.57 2.02
C ASN A 235 -23.71 -18.02 2.35
N SER A 236 -23.69 -18.89 1.32
CA SER A 236 -23.32 -20.30 1.40
C SER A 236 -21.83 -20.57 1.09
N GLN A 237 -21.45 -21.86 1.16
CA GLN A 237 -20.11 -22.30 0.83
C GLN A 237 -20.20 -23.21 -0.39
N ASN A 238 -20.99 -22.79 -1.41
CA ASN A 238 -21.13 -23.55 -2.65
C ASN A 238 -20.65 -22.73 -3.81
N LEU A 239 -19.83 -23.33 -4.68
CA LEU A 239 -19.48 -22.73 -5.94
C LEU A 239 -20.04 -23.65 -7.04
N VAL A 240 -20.26 -23.11 -8.21
CA VAL A 240 -20.60 -23.91 -9.38
C VAL A 240 -19.30 -23.99 -10.15
N VAL A 241 -19.04 -25.16 -10.75
CA VAL A 241 -17.82 -25.38 -11.55
C VAL A 241 -17.65 -24.25 -12.60
N GLY A 242 -16.44 -23.71 -12.72
CA GLY A 242 -16.20 -22.59 -13.60
C GLY A 242 -16.29 -21.23 -12.92
N GLU A 243 -16.95 -21.12 -11.74
CA GLU A 243 -17.01 -19.84 -11.04
C GLU A 243 -15.70 -19.52 -10.34
N LYS A 244 -15.49 -18.22 -10.08
CA LYS A 244 -14.34 -17.66 -9.40
C LYS A 244 -14.86 -16.79 -8.24
N ALA A 245 -14.07 -16.72 -7.17
CA ALA A 245 -14.46 -15.99 -5.97
C ALA A 245 -13.22 -15.42 -5.24
N SER A 246 -13.44 -14.50 -4.32
CA SER A 246 -12.36 -13.86 -3.53
C SER A 246 -12.96 -13.28 -2.23
N LEU A 247 -12.17 -12.97 -1.20
CA LEU A 247 -12.73 -12.36 0.02
C LEU A 247 -13.21 -10.91 -0.19
N ASN A 248 -14.34 -10.55 0.37
CA ASN A 248 -14.82 -9.17 0.41
C ASN A 248 -14.44 -8.59 1.81
N LYS A 249 -14.35 -9.44 2.86
CA LYS A 249 -13.91 -9.08 4.19
C LYS A 249 -13.61 -10.29 5.05
N LEU A 250 -12.68 -10.13 5.98
CA LEU A 250 -12.37 -11.12 6.96
C LEU A 250 -12.22 -10.33 8.28
N VAL A 251 -12.97 -10.73 9.30
CA VAL A 251 -12.90 -10.09 10.60
C VAL A 251 -12.07 -10.96 11.49
N ALA A 252 -11.05 -10.41 12.13
CA ALA A 252 -10.28 -11.13 13.12
C ALA A 252 -10.21 -10.32 14.43
N THR A 253 -9.98 -11.01 15.56
CA THR A 253 -9.82 -10.33 16.84
C THR A 253 -8.35 -9.97 16.98
N ILE A 254 -8.02 -8.69 16.86
CA ILE A 254 -6.65 -8.21 17.01
C ILE A 254 -6.52 -7.33 18.25
N ALA A 255 -5.73 -7.82 19.23
CA ALA A 255 -5.48 -7.16 20.53
C ALA A 255 -6.79 -6.77 21.21
N GLY A 256 -7.70 -7.74 21.29
CA GLY A 256 -8.98 -7.60 21.96
C GLY A 256 -10.08 -6.91 21.19
N GLU A 257 -9.79 -6.38 20.00
CA GLU A 257 -10.82 -5.72 19.19
C GLU A 257 -11.06 -6.44 17.83
N ASP A 258 -12.32 -6.57 17.40
CA ASP A 258 -12.63 -7.19 16.11
C ASP A 258 -12.38 -6.18 15.03
N LYS A 259 -11.66 -6.54 13.96
CA LYS A 259 -11.36 -5.60 12.89
C LYS A 259 -11.28 -6.27 11.53
N VAL A 260 -11.48 -5.49 10.45
CA VAL A 260 -11.34 -6.00 9.11
C VAL A 260 -9.82 -6.01 8.82
N VAL A 261 -9.26 -7.20 8.72
CA VAL A 261 -7.86 -7.46 8.47
C VAL A 261 -7.43 -6.96 7.11
N ASP A 262 -6.19 -6.47 6.99
CA ASP A 262 -5.64 -6.03 5.71
C ASP A 262 -5.46 -7.26 4.83
N PRO A 263 -5.88 -7.18 3.55
CA PRO A 263 -5.79 -8.35 2.66
C PRO A 263 -4.38 -8.92 2.53
N GLY A 264 -3.38 -8.04 2.59
CA GLY A 264 -1.97 -8.44 2.53
C GLY A 264 -1.54 -9.38 3.64
N SER A 265 -2.32 -9.48 4.71
CA SER A 265 -2.02 -10.36 5.84
C SER A 265 -2.75 -11.70 5.77
N ILE A 266 -3.63 -11.90 4.77
CA ILE A 266 -4.40 -13.13 4.67
C ILE A 266 -3.73 -14.09 3.72
N SER A 267 -3.72 -15.38 4.08
CA SER A 267 -3.26 -16.46 3.23
C SER A 267 -4.43 -17.44 3.05
N ILE A 268 -4.62 -17.98 1.85
CA ILE A 268 -5.70 -18.96 1.58
C ILE A 268 -5.12 -20.17 0.88
N LYS A 269 -5.26 -21.37 1.48
CA LYS A 269 -4.83 -22.61 0.83
C LYS A 269 -5.98 -23.62 0.62
N SER A 270 -5.97 -24.35 -0.51
CA SER A 270 -6.98 -25.37 -0.81
C SER A 270 -6.44 -26.75 -0.48
N SER A 271 -7.27 -27.61 0.13
CA SER A 271 -6.86 -28.99 0.42
C SER A 271 -6.84 -29.88 -0.84
N ASN A 272 -7.52 -29.49 -1.92
CA ASN A 272 -7.63 -30.28 -3.14
C ASN A 272 -7.60 -29.33 -4.33
N HIS A 273 -6.41 -29.11 -4.95
CA HIS A 273 -6.24 -28.16 -6.05
C HIS A 273 -7.02 -28.49 -7.31
N GLY A 274 -7.36 -29.75 -7.49
CA GLY A 274 -8.18 -30.20 -8.62
C GLY A 274 -9.65 -29.87 -8.44
N ILE A 275 -10.06 -29.40 -7.23
CA ILE A 275 -11.44 -29.03 -6.98
C ILE A 275 -11.53 -27.50 -6.95
N ILE A 276 -10.71 -26.85 -6.11
CA ILE A 276 -10.62 -25.41 -5.99
C ILE A 276 -9.13 -25.07 -5.94
N SER A 277 -8.66 -24.25 -6.87
CA SER A 277 -7.29 -23.79 -6.88
C SER A 277 -7.25 -22.30 -6.42
N VAL A 278 -6.12 -21.88 -5.82
CA VAL A 278 -6.01 -20.52 -5.27
C VAL A 278 -4.79 -19.76 -5.82
N VAL A 279 -4.99 -18.52 -6.28
CA VAL A 279 -3.91 -17.67 -6.75
C VAL A 279 -4.06 -16.33 -6.07
N ASN A 280 -3.21 -16.01 -5.07
CA ASN A 280 -3.28 -14.72 -4.36
C ASN A 280 -4.67 -14.48 -3.75
N ASN A 281 -5.19 -15.49 -3.05
CA ASN A 281 -6.51 -15.43 -2.41
C ASN A 281 -7.70 -15.36 -3.40
N TYR A 282 -7.46 -15.52 -4.71
CA TYR A 282 -8.53 -15.56 -5.71
C TYR A 282 -8.73 -17.05 -6.04
N ILE A 283 -9.94 -17.58 -5.79
CA ILE A 283 -10.20 -19.00 -5.93
C ILE A 283 -10.98 -19.33 -7.22
N THR A 284 -10.64 -20.48 -7.84
CA THR A 284 -11.28 -20.94 -9.08
C THR A 284 -11.88 -22.31 -8.83
N ALA A 285 -13.17 -22.52 -9.16
CA ALA A 285 -13.80 -23.83 -9.00
C ALA A 285 -13.42 -24.67 -10.25
N GLU A 286 -12.44 -25.56 -10.08
CA GLU A 286 -11.85 -26.38 -11.12
C GLU A 286 -12.70 -27.56 -11.57
N ALA A 287 -13.44 -28.18 -10.66
CA ALA A 287 -14.22 -29.40 -10.93
C ALA A 287 -15.10 -29.69 -9.73
N ALA A 288 -16.17 -30.41 -9.95
CA ALA A 288 -17.17 -30.75 -8.94
C ALA A 288 -16.58 -31.62 -7.84
N GLY A 289 -17.02 -31.38 -6.61
CA GLY A 289 -16.50 -32.14 -5.47
C GLY A 289 -16.35 -31.27 -4.25
N GLU A 290 -15.50 -31.66 -3.32
CA GLU A 290 -15.28 -30.92 -2.09
C GLU A 290 -13.84 -30.50 -1.88
N ALA A 291 -13.65 -29.39 -1.18
CA ALA A 291 -12.33 -28.88 -0.84
C ALA A 291 -12.44 -27.95 0.36
N THR A 292 -11.46 -28.05 1.26
CA THR A 292 -11.41 -27.20 2.43
C THR A 292 -10.42 -26.07 2.20
N LEU A 293 -10.87 -24.85 2.40
CA LEU A 293 -10.01 -23.70 2.31
C LEU A 293 -9.53 -23.36 3.74
N THR A 294 -8.23 -23.32 3.93
CA THR A 294 -7.65 -22.93 5.20
C THR A 294 -7.24 -21.49 5.07
N ILE A 295 -7.89 -20.64 5.82
CA ILE A 295 -7.59 -19.23 5.81
C ILE A 295 -6.69 -18.93 7.02
N LYS A 296 -5.53 -18.35 6.75
CA LYS A 296 -4.53 -18.07 7.76
C LYS A 296 -4.32 -16.58 7.91
N VAL A 297 -4.45 -16.10 9.15
CA VAL A 297 -4.18 -14.71 9.54
C VAL A 297 -3.17 -14.80 10.69
N GLY A 298 -1.92 -14.41 10.44
CA GLY A 298 -0.87 -14.51 11.45
C GLY A 298 -0.50 -15.96 11.69
N ASP A 299 -0.87 -16.48 12.88
CA ASP A 299 -0.66 -17.89 13.25
C ASP A 299 -1.99 -18.58 13.65
N VAL A 300 -3.13 -17.94 13.40
CA VAL A 300 -4.45 -18.48 13.67
C VAL A 300 -5.11 -18.87 12.32
N THR A 301 -5.80 -20.02 12.28
CA THR A 301 -6.41 -20.51 11.04
C THR A 301 -7.89 -20.81 11.19
N LYS A 302 -8.62 -20.80 10.06
CA LYS A 302 -10.03 -21.17 10.01
C LYS A 302 -10.24 -22.06 8.77
N ASP A 303 -10.87 -23.22 8.95
CA ASP A 303 -11.16 -24.12 7.83
C ASP A 303 -12.59 -23.87 7.31
N VAL A 304 -12.72 -23.62 6.01
CA VAL A 304 -14.01 -23.37 5.38
C VAL A 304 -14.22 -24.46 4.33
N LYS A 305 -15.17 -25.35 4.56
CA LYS A 305 -15.49 -26.47 3.68
C LYS A 305 -16.43 -26.02 2.57
N PHE A 306 -15.94 -26.03 1.35
CA PHE A 306 -16.68 -25.64 0.17
C PHE A 306 -17.09 -26.86 -0.65
N LYS A 307 -18.15 -26.70 -1.40
CA LYS A 307 -18.66 -27.70 -2.29
C LYS A 307 -18.73 -27.09 -3.69
N VAL A 308 -18.24 -27.80 -4.72
CA VAL A 308 -18.30 -27.35 -6.10
C VAL A 308 -19.34 -28.23 -6.81
N THR A 309 -20.42 -27.65 -7.28
CA THR A 309 -21.54 -28.37 -7.90
C THR A 309 -21.52 -28.19 -9.43
N THR A 310 -22.41 -28.89 -10.14
CA THR A 310 -22.60 -28.69 -11.57
C THR A 310 -24.01 -28.12 -11.85
N ASP A 311 -24.60 -27.38 -10.93
CA ASP A 311 -25.95 -26.83 -11.09
C ASP A 311 -25.93 -25.32 -11.07
N SER A 312 -26.09 -24.70 -12.23
CA SER A 312 -26.07 -23.24 -12.34
C SER A 312 -27.10 -22.57 -11.42
N ARG A 313 -26.73 -21.41 -10.88
CA ARG A 313 -27.57 -20.64 -9.98
C ARG A 313 -28.81 -20.20 -10.70
N LYS A 314 -29.95 -20.55 -10.15
CA LYS A 314 -31.23 -20.16 -10.69
C LYS A 314 -32.02 -19.42 -9.58
N LEU A 315 -32.89 -18.48 -9.97
CA LEU A 315 -33.68 -17.73 -8.98
C LEU A 315 -34.77 -18.65 -8.38
N VAL A 316 -34.80 -18.86 -7.05
CA VAL A 316 -35.83 -19.71 -6.44
C VAL A 316 -36.72 -19.01 -5.39
N SER A 317 -36.28 -17.86 -4.89
CA SER A 317 -36.95 -17.21 -3.79
C SER A 317 -36.93 -15.69 -3.90
N VAL A 318 -38.09 -15.07 -3.67
CA VAL A 318 -38.31 -13.63 -3.60
C VAL A 318 -38.98 -13.34 -2.24
N LYS A 319 -38.24 -12.78 -1.28
CA LYS A 319 -38.79 -12.48 0.04
C LYS A 319 -38.97 -10.98 0.28
N ALA A 320 -40.11 -10.56 0.85
CA ALA A 320 -40.41 -9.15 1.15
C ALA A 320 -40.32 -8.84 2.66
N ASN A 321 -39.72 -7.71 3.02
CA ASN A 321 -39.67 -7.23 4.40
C ASN A 321 -40.17 -5.78 4.37
N PRO A 322 -41.38 -5.51 4.88
CA PRO A 322 -42.30 -6.45 5.53
C PRO A 322 -43.04 -7.33 4.52
N ASP A 323 -43.43 -8.55 4.90
CA ASP A 323 -44.20 -9.42 3.98
C ASP A 323 -45.74 -9.14 4.02
N LYS A 324 -46.18 -8.27 4.93
CA LYS A 324 -47.59 -7.85 5.07
C LYS A 324 -47.56 -6.34 5.17
N LEU A 325 -47.99 -5.64 4.11
CA LEU A 325 -47.91 -4.20 4.06
C LEU A 325 -49.29 -3.57 4.26
N GLN A 326 -49.43 -2.67 5.23
CA GLN A 326 -50.67 -1.92 5.46
C GLN A 326 -50.33 -0.50 5.00
N VAL A 327 -50.93 -0.05 3.92
CA VAL A 327 -50.59 1.23 3.33
C VAL A 327 -51.87 2.05 3.09
N VAL A 328 -51.82 3.34 3.35
CA VAL A 328 -52.95 4.22 3.12
C VAL A 328 -53.07 4.47 1.59
N GLN A 329 -54.29 4.59 1.07
CA GLN A 329 -54.59 4.86 -0.34
C GLN A 329 -53.83 6.10 -0.82
N ASN A 330 -53.15 5.95 -1.94
CA ASN A 330 -52.35 6.98 -2.59
C ASN A 330 -51.02 7.29 -1.88
N LYS A 331 -50.71 6.56 -0.79
CA LYS A 331 -49.43 6.76 -0.11
C LYS A 331 -48.44 5.64 -0.50
N THR A 332 -47.15 5.94 -0.40
CA THR A 332 -46.05 5.04 -0.74
C THR A 332 -45.26 4.58 0.48
N LEU A 333 -45.04 3.27 0.61
CA LEU A 333 -44.24 2.70 1.71
C LEU A 333 -43.15 1.78 1.17
N PRO A 334 -41.98 1.76 1.82
CA PRO A 334 -40.88 0.90 1.35
C PRO A 334 -41.04 -0.58 1.69
N VAL A 335 -40.70 -1.41 0.72
CA VAL A 335 -40.66 -2.85 0.94
C VAL A 335 -39.24 -3.29 0.49
N THR A 336 -38.52 -4.02 1.32
CA THR A 336 -37.19 -4.53 0.92
C THR A 336 -37.36 -5.95 0.39
N PHE A 337 -36.93 -6.19 -0.84
CA PHE A 337 -37.04 -7.49 -1.48
C PHE A 337 -35.65 -8.13 -1.55
N VAL A 338 -35.56 -9.41 -1.18
CA VAL A 338 -34.33 -10.20 -1.17
C VAL A 338 -34.55 -11.37 -2.11
N THR A 339 -33.76 -11.43 -3.19
CA THR A 339 -33.88 -12.48 -4.19
C THR A 339 -32.66 -13.40 -4.06
N THR A 340 -32.93 -14.71 -4.14
CA THR A 340 -32.00 -15.76 -3.79
C THR A 340 -32.05 -16.95 -4.72
N ASP A 341 -30.93 -17.69 -4.78
CA ASP A 341 -30.79 -18.88 -5.60
C ASP A 341 -30.99 -20.16 -4.77
N GLN A 342 -30.88 -21.35 -5.40
CA GLN A 342 -31.08 -22.63 -4.73
C GLN A 342 -30.08 -22.88 -3.56
N TYR A 343 -28.96 -22.16 -3.54
CA TYR A 343 -27.96 -22.28 -2.48
C TYR A 343 -28.18 -21.25 -1.33
N GLY A 344 -29.18 -20.38 -1.46
CA GLY A 344 -29.47 -19.30 -0.52
C GLY A 344 -28.56 -18.11 -0.74
N ASP A 345 -27.91 -18.01 -1.91
CA ASP A 345 -27.00 -16.93 -2.24
C ASP A 345 -27.72 -15.82 -3.00
N PRO A 346 -27.22 -14.57 -2.94
CA PRO A 346 -27.86 -13.49 -3.71
C PRO A 346 -28.04 -13.80 -5.20
N PHE A 347 -29.18 -13.41 -5.78
CA PHE A 347 -29.41 -13.56 -7.20
C PHE A 347 -29.90 -12.21 -7.78
N GLY A 348 -29.19 -11.68 -8.78
CA GLY A 348 -29.60 -10.45 -9.46
C GLY A 348 -30.71 -10.68 -10.46
N ALA A 349 -31.92 -10.27 -10.07
CA ALA A 349 -33.11 -10.45 -10.88
C ALA A 349 -33.43 -9.20 -11.67
N ASN A 350 -33.51 -9.34 -12.99
CA ASN A 350 -33.85 -8.21 -13.84
C ASN A 350 -35.40 -8.15 -14.00
N THR A 351 -35.91 -7.24 -14.85
CA THR A 351 -37.35 -7.11 -15.06
C THR A 351 -38.02 -8.41 -15.46
N ALA A 352 -37.38 -9.16 -16.37
CA ALA A 352 -38.01 -10.39 -16.86
C ALA A 352 -37.92 -11.57 -15.90
N ALA A 353 -37.00 -11.56 -14.94
CA ALA A 353 -36.80 -12.67 -14.01
C ALA A 353 -38.02 -12.95 -13.11
N ILE A 354 -38.69 -11.88 -12.67
CA ILE A 354 -39.83 -12.02 -11.78
C ILE A 354 -41.08 -11.43 -12.43
N LYS A 355 -42.15 -12.21 -12.47
CA LYS A 355 -43.43 -11.75 -12.97
C LYS A 355 -44.24 -11.42 -11.72
N GLU A 356 -44.57 -10.13 -11.58
CA GLU A 356 -45.32 -9.71 -10.41
C GLU A 356 -46.81 -9.82 -10.71
N VAL A 357 -47.42 -10.92 -10.27
CA VAL A 357 -48.85 -11.19 -10.51
C VAL A 357 -49.69 -10.43 -9.51
N LEU A 358 -50.30 -9.32 -9.92
CA LEU A 358 -51.09 -8.43 -9.07
C LEU A 358 -52.47 -8.94 -8.78
N PRO A 359 -52.95 -8.78 -7.53
CA PRO A 359 -54.31 -9.28 -7.21
C PRO A 359 -55.38 -8.47 -7.94
N LYS A 360 -56.50 -9.13 -8.26
CA LYS A 360 -57.58 -8.48 -8.98
C LYS A 360 -58.35 -7.45 -8.11
N THR A 361 -58.12 -7.41 -6.77
CA THR A 361 -58.72 -6.34 -5.95
C THR A 361 -58.09 -4.96 -6.22
N GLY A 362 -56.99 -4.90 -6.98
CA GLY A 362 -56.40 -3.63 -7.36
C GLY A 362 -55.63 -2.89 -6.29
N VAL A 363 -55.24 -3.57 -5.19
CA VAL A 363 -54.43 -2.94 -4.12
C VAL A 363 -53.11 -2.37 -4.65
N VAL A 364 -52.53 -2.96 -5.69
CA VAL A 364 -51.34 -2.44 -6.35
C VAL A 364 -51.75 -2.16 -7.81
N ALA A 365 -51.45 -0.96 -8.32
CA ALA A 365 -51.77 -0.54 -9.68
C ALA A 365 -50.96 -1.31 -10.71
N GLU A 366 -51.49 -1.47 -11.94
CA GLU A 366 -50.79 -2.12 -13.05
C GLU A 366 -49.48 -1.37 -13.32
N GLY A 367 -48.37 -2.12 -13.41
CA GLY A 367 -47.04 -1.55 -13.58
C GLY A 367 -46.47 -0.90 -12.32
N GLY A 368 -47.10 -1.14 -11.17
CA GLY A 368 -46.71 -0.51 -9.91
C GLY A 368 -45.66 -1.24 -9.09
N LEU A 369 -45.26 -2.46 -9.50
CA LEU A 369 -44.27 -3.21 -8.75
C LEU A 369 -43.40 -4.08 -9.67
N ASP A 370 -42.15 -3.69 -9.85
CA ASP A 370 -41.18 -4.47 -10.63
C ASP A 370 -39.97 -4.73 -9.72
N VAL A 371 -39.83 -5.94 -9.19
CA VAL A 371 -38.72 -6.31 -8.30
C VAL A 371 -37.42 -6.54 -9.09
N VAL A 372 -36.55 -5.51 -9.15
CA VAL A 372 -35.29 -5.49 -9.86
C VAL A 372 -34.16 -5.35 -8.84
N THR A 373 -33.24 -6.29 -8.89
CA THR A 373 -32.28 -6.50 -7.82
C THR A 373 -30.84 -6.67 -8.37
N THR A 374 -30.57 -5.92 -9.44
CA THR A 374 -29.31 -5.95 -10.16
C THR A 374 -28.42 -4.76 -9.89
N ASP A 375 -28.67 -3.99 -8.82
CA ASP A 375 -27.85 -2.83 -8.54
C ASP A 375 -26.51 -3.22 -8.01
N SER A 376 -25.42 -2.68 -8.61
CA SER A 376 -24.05 -2.93 -8.16
C SER A 376 -23.89 -2.57 -6.68
N GLY A 377 -23.16 -3.39 -5.94
CA GLY A 377 -22.97 -3.20 -4.51
C GLY A 377 -24.12 -3.72 -3.68
N SER A 378 -25.28 -3.96 -4.31
CA SER A 378 -26.47 -4.44 -3.64
C SER A 378 -27.16 -5.58 -4.39
N ILE A 379 -26.38 -6.48 -5.03
CA ILE A 379 -26.99 -7.58 -5.80
C ILE A 379 -27.95 -8.44 -4.94
N GLY A 380 -29.17 -8.69 -5.43
CA GLY A 380 -30.11 -9.52 -4.71
C GLY A 380 -30.94 -8.82 -3.65
N THR A 381 -30.71 -7.50 -3.39
CA THR A 381 -31.49 -6.76 -2.41
C THR A 381 -31.85 -5.37 -2.95
N LYS A 382 -33.11 -4.96 -2.77
CA LYS A 382 -33.56 -3.66 -3.24
C LYS A 382 -34.79 -3.23 -2.46
N THR A 383 -34.78 -2.01 -1.93
CA THR A 383 -35.94 -1.44 -1.24
C THR A 383 -36.69 -0.62 -2.28
N ILE A 384 -37.95 -1.00 -2.56
CA ILE A 384 -38.82 -0.41 -3.58
C ILE A 384 -40.11 0.13 -2.91
N GLY A 385 -40.56 1.28 -3.37
CA GLY A 385 -41.79 1.89 -2.86
C GLY A 385 -43.02 1.20 -3.40
N VAL A 386 -43.94 0.84 -2.51
CA VAL A 386 -45.21 0.24 -2.93
C VAL A 386 -46.31 1.26 -2.60
N THR A 387 -47.05 1.70 -3.64
CA THR A 387 -48.12 2.69 -3.49
C THR A 387 -49.49 2.02 -3.37
N GLY A 388 -50.24 2.40 -2.34
CA GLY A 388 -51.59 1.91 -2.12
C GLY A 388 -52.50 2.42 -3.21
N ASN A 389 -53.15 1.50 -3.93
CA ASN A 389 -54.00 1.88 -5.06
C ASN A 389 -55.48 1.86 -4.62
N ASP A 390 -56.26 0.82 -4.95
CA ASP A 390 -57.64 0.71 -4.50
C ASP A 390 -57.65 0.14 -3.10
N VAL A 391 -58.60 0.62 -2.26
CA VAL A 391 -58.80 0.20 -0.88
C VAL A 391 -59.23 -1.28 -0.87
N GLY A 392 -58.67 -2.06 0.05
CA GLY A 392 -58.98 -3.48 0.15
C GLY A 392 -57.77 -4.31 0.54
N GLU A 393 -57.77 -5.59 0.20
CA GLU A 393 -56.67 -6.48 0.52
C GLU A 393 -56.41 -7.41 -0.64
N GLY A 394 -55.19 -7.90 -0.72
CA GLY A 394 -54.79 -8.77 -1.81
C GLY A 394 -53.34 -9.19 -1.71
N THR A 395 -52.97 -10.27 -2.42
CA THR A 395 -51.61 -10.77 -2.36
C THR A 395 -50.98 -10.74 -3.74
N VAL A 396 -49.83 -10.09 -3.82
CA VAL A 396 -49.05 -10.11 -5.04
C VAL A 396 -48.26 -11.43 -5.00
N HIS A 397 -48.25 -12.22 -6.09
CA HIS A 397 -47.47 -13.45 -6.14
C HIS A 397 -46.29 -13.22 -7.09
N PHE A 398 -45.10 -13.61 -6.68
CA PHE A 398 -43.89 -13.43 -7.49
C PHE A 398 -43.65 -14.73 -8.20
N GLN A 399 -43.71 -14.72 -9.53
CA GLN A 399 -43.53 -15.95 -10.29
C GLN A 399 -42.32 -15.91 -11.22
N ASN A 400 -41.84 -17.09 -11.64
CA ASN A 400 -40.81 -17.16 -12.66
C ASN A 400 -41.50 -17.38 -14.05
N GLY A 401 -40.74 -17.55 -15.12
CA GLY A 401 -41.30 -17.75 -16.45
C GLY A 401 -42.21 -18.96 -16.55
N ASN A 402 -41.89 -20.02 -15.82
CA ASN A 402 -42.68 -21.24 -15.84
C ASN A 402 -43.91 -21.24 -14.87
N GLY A 403 -44.25 -20.08 -14.33
CA GLY A 403 -45.38 -19.94 -13.44
C GLY A 403 -45.20 -20.49 -12.03
N ALA A 404 -43.96 -20.87 -11.62
CA ALA A 404 -43.73 -21.35 -10.25
C ALA A 404 -43.72 -20.16 -9.30
N THR A 405 -44.24 -20.31 -8.08
CA THR A 405 -44.31 -19.24 -7.09
C THR A 405 -43.03 -19.15 -6.32
N LEU A 406 -42.32 -18.01 -6.46
CA LEU A 406 -41.04 -17.74 -5.77
C LEU A 406 -41.24 -17.05 -4.43
N GLY A 407 -42.42 -16.47 -4.19
CA GLY A 407 -42.75 -15.73 -2.99
C GLY A 407 -43.97 -14.85 -3.13
N SER A 408 -44.32 -14.12 -2.08
CA SER A 408 -45.51 -13.29 -2.10
C SER A 408 -45.47 -12.12 -1.13
N LEU A 409 -46.37 -11.14 -1.36
CA LEU A 409 -46.48 -9.96 -0.51
C LEU A 409 -47.96 -9.65 -0.30
N TYR A 410 -48.41 -9.67 0.94
CA TYR A 410 -49.79 -9.31 1.26
C TYR A 410 -49.86 -7.78 1.38
N VAL A 411 -50.87 -7.14 0.74
CA VAL A 411 -51.04 -5.69 0.78
C VAL A 411 -52.47 -5.35 1.17
N ASN A 412 -52.62 -4.59 2.23
CA ASN A 412 -53.89 -4.09 2.74
C ASN A 412 -53.90 -2.54 2.53
N VAL A 413 -54.73 -2.05 1.58
CA VAL A 413 -54.89 -0.64 1.29
C VAL A 413 -56.06 -0.06 2.08
N THR A 414 -55.74 0.95 2.85
CA THR A 414 -56.60 1.56 3.83
C THR A 414 -57.10 2.95 3.35
N GLU A 415 -58.27 3.41 3.90
CA GLU A 415 -58.81 4.73 3.58
C GLU A 415 -57.96 5.82 4.25
N GLY A 416 -57.80 6.95 3.55
CA GLY A 416 -56.99 8.03 4.07
C GLY A 416 -57.72 9.23 4.63
N ASN A 417 -57.16 9.78 5.71
CA ASN A 417 -57.45 11.02 6.41
C ASN A 417 -56.25 11.29 7.40
N VAL A 418 -56.30 12.36 8.19
CA VAL A 418 -55.26 12.67 9.17
C VAL A 418 -55.95 12.97 10.50
N ALA A 419 -55.76 12.11 11.49
CA ALA A 419 -56.32 12.35 12.84
C ALA A 419 -55.22 12.61 13.88
N PHE A 420 -53.96 12.18 13.60
CA PHE A 420 -52.84 12.36 14.51
C PHE A 420 -51.57 12.74 13.75
N LYS A 421 -50.74 13.58 14.37
CA LYS A 421 -49.41 13.93 13.87
C LYS A 421 -48.43 13.69 15.01
N ASN A 422 -47.64 12.59 14.93
CA ASN A 422 -46.73 12.26 16.02
C ASN A 422 -45.27 12.44 15.64
N PHE A 423 -44.49 13.15 16.48
CA PHE A 423 -43.04 13.34 16.30
C PHE A 423 -42.40 11.99 16.58
N GLU A 424 -41.74 11.42 15.60
CA GLU A 424 -41.18 10.06 15.72
C GLU A 424 -39.77 9.98 15.24
N LEU A 425 -39.02 8.98 15.73
CA LEU A 425 -37.68 8.68 15.22
C LEU A 425 -37.89 8.08 13.84
N VAL A 426 -37.08 8.45 12.86
CA VAL A 426 -37.19 7.87 11.51
C VAL A 426 -36.97 6.33 11.57
N SER A 427 -36.15 5.85 12.52
CA SER A 427 -35.87 4.43 12.73
C SER A 427 -37.07 3.65 13.31
N LYS A 428 -38.04 4.36 13.91
CA LYS A 428 -39.28 3.82 14.47
C LYS A 428 -40.53 4.36 13.73
N VAL A 429 -40.37 4.78 12.46
CA VAL A 429 -41.47 5.32 11.64
C VAL A 429 -42.69 4.39 11.58
N GLY A 430 -43.87 4.94 11.87
CA GLY A 430 -45.08 4.14 11.78
C GLY A 430 -45.34 3.21 12.94
N GLN A 431 -44.68 3.42 14.07
CA GLN A 431 -44.92 2.61 15.25
C GLN A 431 -45.66 3.48 16.21
N TYR A 432 -46.99 3.51 16.05
CA TYR A 432 -47.88 4.36 16.84
C TYR A 432 -47.66 4.31 18.35
N GLY A 433 -47.42 5.46 18.96
CA GLY A 433 -47.26 5.54 20.40
C GLY A 433 -45.85 5.31 20.94
N GLN A 434 -44.90 4.98 20.06
CA GLN A 434 -43.53 4.77 20.47
C GLN A 434 -42.95 6.12 20.87
N SER A 435 -42.17 6.15 21.95
CA SER A 435 -41.60 7.39 22.43
C SER A 435 -40.57 7.91 21.43
N PRO A 436 -40.53 9.23 21.15
CA PRO A 436 -39.47 9.75 20.29
C PRO A 436 -38.13 9.89 21.06
N ASP A 437 -38.12 9.75 22.41
CA ASP A 437 -36.90 9.89 23.22
C ASP A 437 -35.87 8.80 22.89
N THR A 438 -34.59 9.20 22.70
CA THR A 438 -33.55 8.29 22.31
C THR A 438 -32.16 8.59 22.93
N LYS A 439 -31.24 7.61 22.85
CA LYS A 439 -29.86 7.76 23.28
C LYS A 439 -29.00 7.83 22.01
N LEU A 440 -28.20 8.88 21.84
CA LEU A 440 -27.31 9.00 20.69
C LEU A 440 -25.84 8.90 21.15
N ASP A 441 -25.17 7.80 20.78
CA ASP A 441 -23.75 7.56 21.10
C ASP A 441 -22.88 8.17 19.99
N LEU A 442 -22.08 9.19 20.31
CA LEU A 442 -21.25 9.86 19.30
C LEU A 442 -20.12 8.98 18.70
N ASN A 443 -19.84 7.80 19.29
CA ASN A 443 -18.81 6.91 18.72
C ASN A 443 -19.33 6.08 17.54
N VAL A 444 -20.65 5.82 17.52
CA VAL A 444 -21.31 5.05 16.47
C VAL A 444 -21.91 6.02 15.45
N SER A 445 -22.61 7.04 15.93
CA SER A 445 -23.20 8.02 15.04
C SER A 445 -23.20 9.40 15.63
N THR A 446 -23.06 10.42 14.77
CA THR A 446 -23.14 11.81 15.23
C THR A 446 -24.57 12.41 15.01
N THR A 447 -25.40 11.81 14.15
CA THR A 447 -26.76 12.32 13.91
C THR A 447 -27.87 11.32 14.22
N VAL A 448 -29.05 11.87 14.57
CA VAL A 448 -30.30 11.13 14.79
C VAL A 448 -31.41 11.88 14.06
N GLU A 449 -32.22 11.16 13.29
CA GLU A 449 -33.27 11.76 12.47
C GLU A 449 -34.65 11.50 13.02
N TYR A 450 -35.48 12.52 12.92
CA TYR A 450 -36.88 12.54 13.32
C TYR A 450 -37.75 12.96 12.13
N GLN A 451 -39.06 12.78 12.28
CA GLN A 451 -40.08 13.22 11.33
C GLN A 451 -41.41 13.43 12.07
N LEU A 452 -42.36 14.14 11.43
CA LEU A 452 -43.68 14.31 12.01
C LEU A 452 -44.55 13.37 11.21
N SER A 453 -44.87 12.24 11.81
CA SER A 453 -45.62 11.18 11.15
C SER A 453 -47.13 11.41 11.16
N LYS A 454 -47.77 11.30 9.99
CA LYS A 454 -49.23 11.45 9.91
C LYS A 454 -49.93 10.10 10.06
N TYR A 455 -50.99 10.07 10.83
CA TYR A 455 -51.78 8.88 11.06
C TYR A 455 -53.23 9.18 10.77
N THR A 456 -53.88 8.18 10.26
CA THR A 456 -55.28 8.07 9.95
C THR A 456 -56.07 7.97 11.30
N SER A 457 -57.42 8.18 11.27
CA SER A 457 -58.25 8.04 12.48
C SER A 457 -58.33 6.56 12.98
N ASP A 458 -57.99 5.63 12.14
CA ASP A 458 -57.84 4.21 12.48
C ASP A 458 -56.41 3.86 12.95
N ARG A 459 -55.53 4.88 13.14
CA ARG A 459 -54.16 4.76 13.64
C ARG A 459 -53.24 4.02 12.66
N VAL A 460 -53.48 4.21 11.36
CA VAL A 460 -52.67 3.64 10.31
C VAL A 460 -51.67 4.72 9.86
N TYR A 461 -50.34 4.39 9.90
CA TYR A 461 -49.33 5.31 9.43
C TYR A 461 -49.54 5.64 7.95
N SER A 462 -49.63 6.93 7.69
CA SER A 462 -49.88 7.43 6.36
C SER A 462 -48.58 7.84 5.61
N ASP A 463 -47.96 8.94 6.02
CA ASP A 463 -46.81 9.55 5.38
C ASP A 463 -46.21 10.65 6.27
N PRO A 464 -44.97 11.10 6.01
CA PRO A 464 -44.42 12.19 6.82
C PRO A 464 -45.09 13.52 6.44
N GLU A 465 -45.17 14.41 7.40
CA GLU A 465 -45.71 15.73 7.19
C GLU A 465 -44.66 16.57 6.44
N ASN A 466 -45.14 17.45 5.55
CA ASN A 466 -44.32 18.39 4.81
C ASN A 466 -43.88 19.44 5.86
N LEU A 467 -42.57 19.62 6.02
CA LEU A 467 -42.04 20.52 7.03
C LEU A 467 -41.88 21.97 6.57
N GLU A 468 -42.49 22.34 5.42
CA GLU A 468 -42.51 23.73 4.93
C GLU A 468 -43.35 24.53 5.92
N GLY A 469 -42.79 25.63 6.44
CA GLY A 469 -43.53 26.46 7.40
C GLY A 469 -43.30 26.11 8.85
N TYR A 470 -42.71 24.93 9.11
CA TYR A 470 -42.35 24.47 10.47
C TYR A 470 -40.94 25.01 10.81
N GLU A 471 -40.62 25.05 12.11
CA GLU A 471 -39.28 25.40 12.60
C GLU A 471 -38.85 24.36 13.65
N VAL A 472 -37.55 24.14 13.84
CA VAL A 472 -37.04 23.22 14.86
C VAL A 472 -35.98 23.93 15.70
N GLU A 473 -35.96 23.68 17.02
CA GLU A 473 -35.03 24.33 17.92
C GLU A 473 -34.42 23.35 18.94
N SER A 474 -33.11 23.45 19.11
CA SER A 474 -32.37 22.72 20.15
C SER A 474 -32.41 23.62 21.40
N LYS A 475 -32.81 23.06 22.54
CA LYS A 475 -32.90 23.85 23.78
C LYS A 475 -31.61 23.79 24.64
N ASN A 476 -30.48 23.36 24.04
CA ASN A 476 -29.17 23.23 24.63
C ASN A 476 -28.21 23.12 23.45
N LEU A 477 -27.85 24.26 22.83
CA LEU A 477 -26.99 24.30 21.64
C LEU A 477 -25.60 23.69 21.82
N ALA A 478 -25.11 23.58 23.06
CA ALA A 478 -23.79 22.99 23.31
C ALA A 478 -23.83 21.47 23.22
N VAL A 479 -24.93 20.86 23.72
CA VAL A 479 -25.09 19.41 23.68
C VAL A 479 -25.40 18.94 22.25
N ALA A 480 -26.31 19.62 21.55
CA ALA A 480 -26.65 19.23 20.17
C ALA A 480 -27.28 20.38 19.36
N ASP A 481 -27.22 20.27 18.02
CA ASP A 481 -27.86 21.20 17.10
C ASP A 481 -29.07 20.47 16.45
N ALA A 482 -30.03 21.22 15.91
CA ALA A 482 -31.17 20.59 15.24
C ALA A 482 -31.62 21.43 14.06
N LYS A 483 -31.71 20.83 12.87
CA LYS A 483 -32.17 21.57 11.68
C LYS A 483 -33.21 20.79 10.85
N ILE A 484 -34.00 21.49 10.02
CA ILE A 484 -34.96 20.83 9.14
C ILE A 484 -34.32 20.61 7.76
N VAL A 485 -34.16 19.34 7.37
CA VAL A 485 -33.64 18.94 6.07
C VAL A 485 -34.78 18.19 5.38
N GLY A 486 -35.42 18.84 4.41
CA GLY A 486 -36.55 18.28 3.68
C GLY A 486 -37.71 18.05 4.64
N ASN A 487 -38.15 16.80 4.77
CA ASN A 487 -39.22 16.47 5.72
C ASN A 487 -38.71 15.74 6.97
N LYS A 488 -37.42 15.90 7.28
CA LYS A 488 -36.84 15.30 8.47
C LYS A 488 -36.23 16.36 9.37
N VAL A 489 -36.14 16.06 10.66
CA VAL A 489 -35.44 16.88 11.59
C VAL A 489 -34.12 16.12 11.82
N VAL A 490 -33.01 16.78 11.51
CA VAL A 490 -31.69 16.21 11.72
C VAL A 490 -31.08 16.80 12.99
N VAL A 491 -30.89 15.96 14.01
CA VAL A 491 -30.27 16.37 15.25
C VAL A 491 -28.78 15.96 15.16
N THR A 492 -27.87 16.93 15.33
CA THR A 492 -26.42 16.70 15.27
C THR A 492 -25.82 16.79 16.67
N GLY A 493 -25.33 15.67 17.20
CA GLY A 493 -24.76 15.64 18.54
C GLY A 493 -23.36 16.21 18.64
N LYS A 494 -23.13 17.11 19.62
CA LYS A 494 -21.79 17.69 19.82
C LYS A 494 -21.10 17.23 21.13
N THR A 495 -21.71 17.44 22.30
CA THR A 495 -21.12 17.04 23.59
C THR A 495 -22.07 16.19 24.43
N PRO A 496 -21.58 15.33 25.35
CA PRO A 496 -22.49 14.55 26.19
C PRO A 496 -23.46 15.39 27.04
N GLY A 497 -24.65 14.85 27.27
CA GLY A 497 -25.71 15.51 28.03
C GLY A 497 -27.10 15.34 27.44
N LYS A 498 -28.15 15.77 28.16
CA LYS A 498 -29.52 15.65 27.66
C LYS A 498 -30.02 16.95 27.01
N VAL A 499 -30.61 16.84 25.81
CA VAL A 499 -31.09 18.02 25.07
C VAL A 499 -32.54 17.84 24.57
N ASP A 500 -33.35 18.89 24.70
CA ASP A 500 -34.73 18.88 24.23
C ASP A 500 -34.82 19.47 22.83
N ILE A 501 -35.45 18.73 21.90
CA ILE A 501 -35.63 19.18 20.52
C ILE A 501 -37.11 19.55 20.36
N HIS A 502 -37.41 20.79 19.94
CA HIS A 502 -38.79 21.26 19.79
C HIS A 502 -39.13 21.63 18.35
N LEU A 503 -40.15 20.97 17.81
CA LEU A 503 -40.68 21.22 16.46
C LEU A 503 -41.90 22.10 16.63
N THR A 504 -41.96 23.22 15.91
CA THR A 504 -43.06 24.16 16.05
C THR A 504 -43.57 24.68 14.70
N LYS A 505 -44.71 25.36 14.70
CA LYS A 505 -45.22 26.04 13.52
C LYS A 505 -45.93 27.26 14.01
N ASN A 506 -45.43 28.45 13.65
CA ASN A 506 -46.01 29.72 14.08
C ASN A 506 -46.11 29.81 15.62
N GLY A 507 -45.12 29.23 16.31
CA GLY A 507 -45.10 29.25 17.77
C GLY A 507 -46.01 28.25 18.47
N ALA A 508 -46.55 27.28 17.74
CA ALA A 508 -47.38 26.23 18.33
C ALA A 508 -46.54 24.96 18.32
N THR A 509 -46.61 24.16 19.40
CA THR A 509 -45.81 22.93 19.46
C THR A 509 -46.40 21.83 18.58
N ALA A 510 -45.57 21.24 17.70
CA ALA A 510 -45.96 20.11 16.87
C ALA A 510 -45.25 18.80 17.33
N GLY A 511 -44.12 18.92 18.04
CA GLY A 511 -43.38 17.77 18.52
C GLY A 511 -42.24 18.08 19.47
N LYS A 512 -42.03 17.19 20.46
CA LYS A 512 -40.95 17.32 21.45
C LYS A 512 -40.28 15.96 21.61
N ALA A 513 -38.96 15.97 21.81
CA ALA A 513 -38.17 14.76 21.99
C ALA A 513 -36.97 15.09 22.86
N THR A 514 -36.59 14.17 23.74
CA THR A 514 -35.40 14.36 24.59
C THR A 514 -34.38 13.36 24.11
N VAL A 515 -33.19 13.84 23.77
CA VAL A 515 -32.13 12.96 23.30
C VAL A 515 -30.93 13.03 24.27
N GLU A 516 -30.57 11.86 24.83
CA GLU A 516 -29.43 11.75 25.73
C GLU A 516 -28.21 11.50 24.87
N ILE A 517 -27.29 12.47 24.81
CA ILE A 517 -26.07 12.33 24.04
C ILE A 517 -24.97 11.73 24.94
N VAL A 518 -24.35 10.62 24.51
CA VAL A 518 -23.26 10.03 25.29
C VAL A 518 -22.00 9.87 24.45
N GLN A 519 -20.83 9.99 25.11
CA GLN A 519 -19.56 9.74 24.42
C GLN A 519 -18.51 9.21 25.37
N GLU A 520 -18.29 7.91 25.35
CA GLU A 520 -17.30 7.28 26.21
C GLU A 520 -15.98 7.28 25.47
N THR A 521 -14.95 7.87 26.07
CA THR A 521 -13.64 7.91 25.46
C THR A 521 -12.61 7.53 26.50
N ILE A 522 -11.75 6.53 26.22
CA ILE A 522 -10.68 6.12 27.13
C ILE A 522 -9.76 7.34 27.48
N ALA A 523 -9.44 7.49 28.76
CA ALA A 523 -8.67 8.62 29.26
C ALA A 523 -7.61 8.15 30.30
N ILE A 524 -6.71 9.04 30.75
CA ILE A 524 -5.76 8.69 31.80
C ILE A 524 -6.49 8.86 33.14
N LYS A 525 -6.49 7.82 33.95
CA LYS A 525 -7.04 7.84 35.30
C LYS A 525 -5.90 8.36 36.26
N SER A 526 -4.69 7.78 36.17
CA SER A 526 -3.58 8.17 37.05
C SER A 526 -2.23 7.79 36.44
N VAL A 527 -1.14 8.38 36.98
CA VAL A 527 0.20 8.10 36.49
C VAL A 527 1.08 7.57 37.61
N ASN A 528 1.78 6.45 37.37
CA ASN A 528 2.77 5.91 38.29
C ASN A 528 4.16 6.31 37.77
N PHE A 529 4.79 7.30 38.40
CA PHE A 529 6.15 7.71 38.02
C PHE A 529 7.19 6.82 38.71
N LYS A 530 8.41 6.75 38.17
CA LYS A 530 9.51 6.01 38.78
C LYS A 530 9.95 6.78 40.01
N PRO A 531 10.48 6.07 41.04
CA PRO A 531 11.04 6.76 42.21
C PRO A 531 12.30 7.46 41.74
N VAL A 532 12.41 8.71 42.08
CA VAL A 532 13.54 9.53 41.63
C VAL A 532 14.47 9.94 42.82
N GLN A 533 15.77 10.15 42.56
CA GLN A 533 16.73 10.54 43.63
C GLN A 533 17.42 11.83 43.21
N THR A 534 18.00 12.55 44.17
CA THR A 534 18.73 13.75 43.88
C THR A 534 19.97 13.44 43.02
N GLU A 535 20.20 14.23 41.97
CA GLU A 535 21.36 14.05 41.12
C GLU A 535 22.53 14.87 41.68
N ASN A 536 23.52 14.21 42.33
CA ASN A 536 24.69 14.88 42.90
C ASN A 536 25.93 14.84 42.02
N PHE A 537 25.87 14.15 40.86
CA PHE A 537 27.04 13.93 40.00
C PHE A 537 26.95 14.55 38.61
N VAL A 538 28.12 14.76 37.98
CA VAL A 538 28.18 15.29 36.64
C VAL A 538 28.03 14.18 35.59
N GLU A 539 27.67 14.58 34.36
CA GLU A 539 27.50 13.70 33.23
C GLU A 539 26.31 12.76 33.31
N LYS A 540 25.31 13.09 34.14
CA LYS A 540 24.11 12.27 34.24
C LYS A 540 23.07 12.86 33.32
N LYS A 541 22.51 12.01 32.44
CA LYS A 541 21.49 12.46 31.52
C LYS A 541 20.15 12.40 32.22
N ILE A 542 19.38 13.46 32.12
CA ILE A 542 18.02 13.50 32.67
C ILE A 542 17.05 13.74 31.53
N ASN A 543 15.98 12.96 31.46
CA ASN A 543 14.99 13.07 30.41
C ASN A 543 13.69 12.37 30.88
N ILE A 544 12.69 12.22 29.97
CA ILE A 544 11.43 11.56 30.25
C ILE A 544 11.61 10.18 30.89
N GLY A 545 12.65 9.46 30.46
CA GLY A 545 12.95 8.14 30.99
C GLY A 545 13.39 8.12 32.43
N THR A 546 13.84 9.25 32.99
CA THR A 546 14.20 9.35 34.40
C THR A 546 12.93 9.23 35.29
N VAL A 547 11.80 9.78 34.83
CA VAL A 547 10.58 9.76 35.63
C VAL A 547 9.48 8.75 35.15
N LEU A 548 9.57 8.27 33.90
CA LEU A 548 8.58 7.36 33.38
C LEU A 548 9.23 6.11 32.83
N GLU A 549 8.69 4.95 33.21
CA GLU A 549 9.25 3.67 32.78
C GLU A 549 8.93 3.50 31.29
N LEU A 550 9.95 3.52 30.44
CA LEU A 550 9.77 3.37 29.00
C LEU A 550 10.20 1.98 28.51
N GLU A 551 9.54 1.48 27.44
CA GLU A 551 10.00 0.28 26.74
C GLU A 551 10.44 0.86 25.43
N LYS A 552 11.74 0.94 25.24
CA LYS A 552 12.37 1.54 24.08
C LYS A 552 11.88 1.03 22.72
N SER A 553 11.76 1.94 21.76
CA SER A 553 11.36 1.61 20.41
C SER A 553 12.23 2.40 19.41
N ASN A 554 12.32 1.90 18.18
CA ASN A 554 13.02 2.61 17.10
C ASN A 554 12.17 3.82 16.69
N LEU A 555 10.83 3.73 16.81
CA LEU A 555 9.88 4.81 16.54
C LEU A 555 9.41 5.41 17.91
N ASP A 556 8.09 5.66 18.17
CA ASP A 556 7.62 6.19 19.45
C ASP A 556 7.70 5.11 20.55
N ASP A 557 8.29 5.43 21.72
CA ASP A 557 8.45 4.47 22.82
C ASP A 557 7.13 4.12 23.53
N ILE A 558 7.05 2.92 24.13
CA ILE A 558 5.90 2.53 24.95
C ILE A 558 6.09 3.13 26.36
N VAL A 559 5.02 3.67 26.97
CA VAL A 559 5.08 4.21 28.30
C VAL A 559 4.37 3.28 29.28
N LYS A 560 5.05 2.92 30.37
CA LYS A 560 4.43 2.10 31.41
C LYS A 560 4.03 3.01 32.57
N GLY A 561 3.05 2.57 33.34
CA GLY A 561 2.56 3.35 34.47
C GLY A 561 1.53 4.39 34.12
N ILE A 562 0.96 4.36 32.90
CA ILE A 562 -0.12 5.28 32.53
C ILE A 562 -1.44 4.53 32.69
N ASN A 563 -2.13 4.70 33.83
CA ASN A 563 -3.36 3.97 34.12
C ASN A 563 -4.53 4.59 33.42
N LEU A 564 -5.29 3.78 32.68
CA LEU A 564 -6.41 4.29 31.90
C LEU A 564 -7.77 4.02 32.53
N THR A 565 -8.78 4.79 32.12
CA THR A 565 -10.13 4.63 32.60
C THR A 565 -10.81 3.36 32.09
N LYS A 566 -10.24 2.68 31.09
CA LYS A 566 -10.86 1.47 30.55
C LYS A 566 -9.84 0.41 30.24
N GLU A 567 -10.29 -0.85 30.21
CA GLU A 567 -9.46 -1.99 29.86
C GLU A 567 -9.09 -1.90 28.39
N THR A 568 -7.87 -2.25 28.05
CA THR A 568 -7.37 -2.22 26.68
C THR A 568 -6.14 -3.06 26.57
N GLN A 569 -5.93 -3.66 25.41
CA GLN A 569 -4.70 -4.39 25.12
C GLN A 569 -3.73 -3.53 24.30
N HIS A 570 -4.17 -2.37 23.77
CA HIS A 570 -3.30 -1.47 23.02
C HIS A 570 -2.31 -0.80 23.97
N LYS A 571 -1.16 -0.42 23.42
CA LYS A 571 -0.09 0.19 24.19
C LYS A 571 -0.21 1.70 24.23
N VAL A 572 0.30 2.31 25.33
CA VAL A 572 0.36 3.77 25.42
C VAL A 572 1.75 4.16 24.97
N ARG A 573 1.83 5.08 24.02
CA ARG A 573 3.09 5.55 23.50
C ARG A 573 3.21 7.05 23.71
N VAL A 574 4.42 7.59 23.52
CA VAL A 574 4.67 9.00 23.61
C VAL A 574 5.38 9.40 22.30
N VAL A 575 4.95 10.50 21.69
CA VAL A 575 5.60 11.00 20.47
C VAL A 575 7.03 11.43 20.78
N LYS A 576 7.98 10.74 20.13
CA LYS A 576 9.42 10.93 20.29
C LYS A 576 9.97 12.26 19.83
N SER A 577 9.52 12.77 18.67
CA SER A 577 10.10 14.00 18.13
C SER A 577 9.11 14.86 17.33
N GLY A 578 9.51 16.09 17.04
CA GLY A 578 8.67 17.02 16.29
C GLY A 578 7.95 18.01 17.17
N ALA A 579 6.99 18.74 16.59
CA ALA A 579 6.21 19.72 17.34
C ALA A 579 5.26 19.06 18.34
N GLU A 580 4.82 17.84 18.05
CA GLU A 580 3.92 17.12 18.93
C GLU A 580 4.67 16.25 19.94
N GLN A 581 6.00 16.43 20.12
CA GLN A 581 6.79 15.66 21.09
C GLN A 581 6.17 15.73 22.50
N GLY A 582 6.01 14.57 23.11
CA GLY A 582 5.41 14.51 24.44
C GLY A 582 3.96 14.13 24.45
N LYS A 583 3.30 14.09 23.27
CA LYS A 583 1.92 13.67 23.17
C LYS A 583 1.81 12.19 23.53
N LEU A 584 0.99 11.87 24.53
CA LEU A 584 0.73 10.49 24.91
C LEU A 584 -0.48 10.04 24.12
N TYR A 585 -0.46 8.82 23.61
CA TYR A 585 -1.57 8.32 22.83
C TYR A 585 -1.73 6.82 22.95
N LEU A 586 -2.96 6.35 22.75
CA LEU A 586 -3.23 4.92 22.73
C LEU A 586 -3.02 4.49 21.27
N ASP A 587 -2.04 3.64 21.05
CA ASP A 587 -1.67 3.19 19.72
C ASP A 587 -2.59 2.03 19.30
N ARG A 588 -3.76 2.38 18.79
CA ARG A 588 -4.81 1.43 18.45
C ARG A 588 -4.50 0.51 17.25
N ASN A 589 -3.60 0.92 16.35
CA ASN A 589 -3.18 0.06 15.24
C ASN A 589 -1.81 -0.62 15.46
N GLY A 590 -1.09 -0.24 16.52
CA GLY A 590 0.15 -0.87 16.93
C GLY A 590 1.39 -0.61 16.08
N ASP A 591 1.40 0.49 15.33
CA ASP A 591 2.51 0.79 14.44
C ASP A 591 3.58 1.78 14.98
N ALA A 592 3.52 2.15 16.28
CA ALA A 592 4.45 3.06 16.97
C ALA A 592 4.55 4.45 16.35
N VAL A 593 3.47 4.91 15.73
CA VAL A 593 3.35 6.23 15.11
C VAL A 593 1.95 6.76 15.43
N PHE A 594 1.82 8.06 15.78
CA PHE A 594 0.51 8.63 16.08
C PHE A 594 -0.21 8.92 14.76
N ASN A 595 -1.35 8.26 14.53
CA ASN A 595 -2.07 8.41 13.27
C ASN A 595 -3.51 7.85 13.38
N ALA A 596 -4.14 7.51 12.22
CA ALA A 596 -5.39 6.81 11.97
C ALA A 596 -6.41 6.90 13.18
N GLY A 597 -6.79 5.84 13.91
CA GLY A 597 -7.76 5.93 14.99
C GLY A 597 -7.13 5.85 16.36
N ASP A 598 -5.92 6.41 16.50
CA ASP A 598 -5.24 6.45 17.79
C ASP A 598 -5.93 7.50 18.64
N VAL A 599 -5.97 7.29 19.94
CA VAL A 599 -6.61 8.24 20.86
C VAL A 599 -5.58 9.06 21.56
N LYS A 600 -5.66 10.40 21.50
CA LYS A 600 -4.76 11.24 22.28
C LYS A 600 -5.18 11.12 23.74
N LEU A 601 -4.24 10.75 24.63
CA LEU A 601 -4.49 10.59 26.06
C LEU A 601 -4.01 11.83 26.88
N GLY A 602 -2.99 12.53 26.37
CA GLY A 602 -2.46 13.69 27.07
C GLY A 602 -1.12 14.19 26.59
N ASP A 603 -0.41 14.92 27.45
CA ASP A 603 0.90 15.46 27.14
C ASP A 603 1.86 15.37 28.30
N VAL A 604 3.12 15.12 27.98
CA VAL A 604 4.21 15.16 28.92
C VAL A 604 4.98 16.46 28.64
N THR A 605 5.20 17.26 29.67
CA THR A 605 5.98 18.47 29.56
C THR A 605 7.09 18.48 30.60
N VAL A 606 8.11 19.30 30.39
CA VAL A 606 9.16 19.53 31.38
C VAL A 606 9.45 21.02 31.49
N SER A 607 9.69 21.51 32.71
CA SER A 607 10.15 22.87 32.96
C SER A 607 11.13 22.88 34.13
N GLN A 608 11.93 23.93 34.24
CA GLN A 608 12.80 24.10 35.40
C GLN A 608 12.06 25.04 36.37
N THR A 609 12.22 24.83 37.68
CA THR A 609 11.52 25.69 38.65
C THR A 609 12.10 27.10 38.59
N SER A 610 11.35 28.09 39.14
CA SER A 610 11.75 29.48 39.19
C SER A 610 13.10 29.69 39.86
N ASP A 611 13.50 28.87 40.84
CA ASP A 611 14.78 29.07 41.52
C ASP A 611 15.97 28.31 40.91
N SER A 612 15.82 27.78 39.70
CA SER A 612 16.84 26.93 39.10
C SER A 612 18.00 27.63 38.44
N ALA A 613 19.16 26.99 38.50
CA ALA A 613 20.39 27.45 37.90
C ALA A 613 20.92 26.32 37.01
N LEU A 614 20.23 26.07 35.91
CA LEU A 614 20.52 25.01 34.94
C LEU A 614 20.67 25.64 33.54
N PRO A 615 21.85 26.20 33.22
CA PRO A 615 22.03 26.89 31.93
C PRO A 615 21.88 26.04 30.67
N ASN A 616 22.15 24.73 30.78
CA ASN A 616 22.02 23.82 29.66
C ASN A 616 20.63 23.09 29.59
N PHE A 617 19.66 23.53 30.39
CA PHE A 617 18.31 22.96 30.37
C PHE A 617 17.68 23.15 28.98
N LYS A 618 16.99 22.11 28.49
CA LYS A 618 16.23 22.16 27.26
C LYS A 618 14.86 21.55 27.51
N ALA A 619 13.79 22.16 26.94
CA ALA A 619 12.43 21.62 27.07
C ALA A 619 12.23 20.29 26.31
N ASP A 620 13.24 19.84 25.56
CA ASP A 620 13.22 18.57 24.85
C ASP A 620 13.12 17.43 25.88
N LEU A 621 12.10 16.60 25.76
CA LEU A 621 11.89 15.47 26.66
C LEU A 621 12.94 14.40 26.58
N TYR A 622 13.70 14.33 25.49
CA TYR A 622 14.72 13.29 25.33
C TYR A 622 16.16 13.79 25.57
N ASP A 623 16.35 15.08 25.75
CA ASP A 623 17.68 15.67 25.97
C ASP A 623 17.52 16.86 26.92
N THR A 624 16.81 16.63 28.04
CA THR A 624 16.44 17.69 28.97
C THR A 624 17.66 18.34 29.62
N LEU A 625 18.53 17.50 30.14
CA LEU A 625 19.72 17.97 30.83
C LEU A 625 20.76 16.90 30.89
N THR A 626 22.02 17.28 30.81
CA THR A 626 23.18 16.45 31.07
C THR A 626 23.88 17.25 32.13
N THR A 627 23.95 16.75 33.37
CA THR A 627 24.51 17.52 34.48
C THR A 627 25.96 17.87 34.28
N LYS A 628 26.30 19.09 34.65
CA LYS A 628 27.64 19.66 34.54
C LYS A 628 27.93 20.36 35.85
N TYR A 629 29.21 20.78 36.04
CA TYR A 629 29.61 21.45 37.27
C TYR A 629 28.85 22.70 37.54
N LEU A 630 28.35 22.60 38.78
CA LEU A 630 27.55 23.31 39.69
C LEU A 630 26.16 23.61 39.16
N ASP A 631 25.54 22.58 38.58
CA ASP A 631 24.14 22.64 38.21
C ASP A 631 23.39 22.45 39.51
N LYS A 632 22.40 23.31 39.76
CA LYS A 632 21.57 23.20 40.93
C LYS A 632 20.18 23.70 40.56
N GLY A 633 19.18 22.87 40.76
CA GLY A 633 17.82 23.22 40.42
C GLY A 633 16.87 22.07 40.54
N THR A 634 15.67 22.25 39.98
CA THR A 634 14.62 21.23 40.00
C THR A 634 13.91 21.22 38.67
N LEU A 635 13.79 20.04 38.08
CA LEU A 635 13.02 19.87 36.83
C LEU A 635 11.69 19.29 37.20
N VAL A 636 10.60 19.83 36.67
CA VAL A 636 9.27 19.30 36.95
C VAL A 636 8.70 18.67 35.68
N PHE A 637 8.48 17.36 35.72
CA PHE A 637 7.87 16.66 34.61
C PHE A 637 6.38 16.50 34.91
N LYS A 638 5.51 16.93 33.98
CA LYS A 638 4.08 16.84 34.18
C LYS A 638 3.43 15.99 33.13
N VAL A 639 2.34 15.32 33.51
CA VAL A 639 1.45 14.60 32.62
C VAL A 639 0.14 15.37 32.76
N LEU A 640 -0.30 15.99 31.68
CA LEU A 640 -1.53 16.76 31.62
C LEU A 640 -2.47 16.16 30.57
N LYS A 641 -3.80 16.38 30.69
CA LYS A 641 -4.72 15.93 29.64
C LYS A 641 -4.49 16.80 28.35
N ASP A 642 -4.05 18.03 28.52
CA ASP A 642 -3.77 18.96 27.43
C ASP A 642 -2.69 19.88 27.96
N LYS A 643 -1.55 19.95 27.28
CA LYS A 643 -0.43 20.82 27.68
C LYS A 643 -0.76 22.32 27.66
N ASP A 644 -1.81 22.71 26.93
CA ASP A 644 -2.20 24.11 26.87
C ASP A 644 -3.08 24.54 28.05
N VAL A 645 -3.63 23.59 28.82
CA VAL A 645 -4.45 23.90 29.98
C VAL A 645 -3.65 23.42 31.19
N ILE A 646 -2.93 24.34 31.88
CA ILE A 646 -2.09 24.02 33.04
C ILE A 646 -2.89 23.30 34.15
N THR A 647 -4.18 23.63 34.31
CA THR A 647 -5.02 22.98 35.33
C THR A 647 -5.49 21.59 34.91
N SER A 648 -5.14 21.12 33.70
CA SER A 648 -5.51 19.76 33.29
C SER A 648 -4.45 18.73 33.77
N GLU A 649 -3.54 19.12 34.66
CA GLU A 649 -2.49 18.27 35.20
C GLU A 649 -3.08 17.09 35.93
N ILE A 650 -2.58 15.90 35.59
CA ILE A 650 -2.94 14.60 36.13
C ILE A 650 -1.94 14.21 37.23
N GLY A 651 -0.66 14.46 37.00
CA GLY A 651 0.38 14.17 37.95
C GLY A 651 1.71 14.80 37.58
N SER A 652 2.63 14.86 38.53
CA SER A 652 3.96 15.38 38.25
C SER A 652 5.02 14.63 39.05
N GLN A 653 6.27 14.74 38.63
CA GLN A 653 7.40 14.19 39.34
C GLN A 653 8.54 15.16 39.16
N ALA A 654 9.14 15.62 40.27
CA ALA A 654 10.30 16.49 40.17
C ALA A 654 11.61 15.70 40.20
N VAL A 655 12.68 16.21 39.56
CA VAL A 655 14.04 15.65 39.60
C VAL A 655 14.88 16.71 40.21
N HIS A 656 15.51 16.44 41.36
CA HIS A 656 16.33 17.40 42.10
C HIS A 656 17.77 17.34 41.65
N VAL A 657 18.34 18.48 41.28
CA VAL A 657 19.70 18.52 40.75
C VAL A 657 20.58 19.34 41.68
N ASN A 658 21.64 18.74 42.24
CA ASN A 658 22.55 19.40 43.16
C ASN A 658 23.97 18.81 42.99
N VAL A 659 24.68 19.27 41.95
CA VAL A 659 26.01 18.77 41.66
C VAL A 659 26.96 19.23 42.77
N LEU A 660 27.62 18.28 43.45
CA LEU A 660 28.46 18.61 44.57
C LEU A 660 29.83 19.05 44.15
N ASN A 661 30.25 20.22 44.61
CA ASN A 661 31.56 20.75 44.29
C ASN A 661 32.05 21.57 45.47
N ASN A 662 32.48 20.87 46.54
CA ASN A 662 32.95 21.42 47.80
C ASN A 662 34.22 20.70 48.28
N PRO A 663 35.12 21.42 48.98
CA PRO A 663 35.14 22.89 49.14
C PRO A 663 35.44 23.57 47.77
N ASN A 664 35.17 24.86 47.70
CA ASN A 664 35.37 25.59 46.47
C ASN A 664 35.95 26.94 46.83
N LEU A 665 37.24 26.96 47.19
CA LEU A 665 37.88 28.22 47.58
C LEU A 665 38.12 29.11 46.37
N GLN B 1 9.66 -14.00 -11.30
CA GLN B 1 9.98 -14.84 -12.46
C GLN B 1 8.94 -14.71 -13.59
N VAL B 2 9.41 -14.43 -14.83
CA VAL B 2 8.58 -14.28 -16.02
C VAL B 2 7.84 -15.57 -16.40
N GLN B 3 6.51 -15.46 -16.62
CA GLN B 3 5.65 -16.56 -17.06
C GLN B 3 4.75 -16.05 -18.18
N LEU B 4 4.66 -16.80 -19.30
CA LEU B 4 3.82 -16.43 -20.44
C LEU B 4 3.05 -17.66 -20.94
N VAL B 5 1.73 -17.75 -20.65
CA VAL B 5 0.93 -18.91 -21.01
C VAL B 5 -0.07 -18.68 -22.17
N GLU B 6 0.29 -19.12 -23.38
CA GLU B 6 -0.57 -18.98 -24.56
C GLU B 6 -1.57 -20.16 -24.68
N SER B 7 -2.69 -19.90 -25.35
CA SER B 7 -3.78 -20.85 -25.60
C SER B 7 -4.71 -20.27 -26.70
N GLY B 8 -5.61 -21.09 -27.22
CA GLY B 8 -6.56 -20.64 -28.23
C GLY B 8 -6.25 -21.04 -29.66
N GLY B 9 -5.11 -21.69 -29.87
CA GLY B 9 -4.74 -22.15 -31.20
C GLY B 9 -5.54 -23.38 -31.59
N GLY B 10 -5.83 -23.51 -32.88
CA GLY B 10 -6.62 -24.64 -33.34
C GLY B 10 -6.34 -25.09 -34.76
N LEU B 11 -6.98 -26.20 -35.16
CA LEU B 11 -6.85 -26.79 -36.49
C LEU B 11 -8.11 -26.44 -37.28
N VAL B 12 -8.45 -25.14 -37.30
CA VAL B 12 -9.63 -24.63 -37.98
C VAL B 12 -9.41 -24.44 -39.48
N GLN B 13 -10.46 -24.73 -40.28
CA GLN B 13 -10.51 -24.61 -41.73
C GLN B 13 -10.32 -23.13 -42.21
N PRO B 14 -10.05 -22.86 -43.51
CA PRO B 14 -9.86 -21.45 -43.93
C PRO B 14 -11.09 -20.57 -43.70
N GLY B 15 -10.85 -19.30 -43.36
CA GLY B 15 -11.92 -18.36 -43.11
C GLY B 15 -12.39 -18.28 -41.66
N GLY B 16 -12.03 -19.28 -40.86
CA GLY B 16 -12.42 -19.37 -39.46
C GLY B 16 -11.76 -18.39 -38.52
N SER B 17 -12.24 -18.35 -37.27
CA SER B 17 -11.72 -17.45 -36.25
C SER B 17 -11.17 -18.21 -35.05
N LEU B 18 -10.16 -17.63 -34.38
CA LEU B 18 -9.55 -18.24 -33.20
C LEU B 18 -9.37 -17.19 -32.10
N ARG B 19 -9.82 -17.50 -30.88
CA ARG B 19 -9.66 -16.58 -29.76
C ARG B 19 -8.40 -16.94 -29.00
N LEU B 20 -7.31 -16.20 -29.27
CA LEU B 20 -6.03 -16.44 -28.62
C LEU B 20 -5.99 -15.76 -27.26
N SER B 21 -5.54 -16.48 -26.23
CA SER B 21 -5.44 -15.96 -24.86
C SER B 21 -4.02 -16.09 -24.36
N CYS B 22 -3.66 -15.25 -23.39
CA CYS B 22 -2.34 -15.28 -22.80
C CYS B 22 -2.40 -14.87 -21.34
N ALA B 23 -2.01 -15.76 -20.43
CA ALA B 23 -1.97 -15.42 -19.01
C ALA B 23 -0.52 -15.09 -18.69
N ALA B 24 -0.23 -13.81 -18.43
CA ALA B 24 1.12 -13.34 -18.15
C ALA B 24 1.38 -13.15 -16.65
N SER B 25 2.67 -13.17 -16.26
CA SER B 25 3.13 -12.99 -14.88
C SER B 25 4.61 -12.59 -14.89
N GLY B 26 5.02 -11.76 -13.94
CA GLY B 26 6.39 -11.31 -13.79
C GLY B 26 6.94 -10.37 -14.84
N ILE B 27 6.07 -9.73 -15.64
CA ILE B 27 6.54 -8.85 -16.72
C ILE B 27 6.11 -7.39 -16.54
N ALA B 28 5.75 -6.98 -15.31
CA ALA B 28 5.25 -5.62 -14.99
C ALA B 28 4.12 -5.24 -15.98
N PHE B 29 3.16 -6.17 -16.14
CA PHE B 29 2.09 -6.15 -17.13
C PHE B 29 1.46 -4.78 -17.33
N SER B 30 0.94 -4.16 -16.26
CA SER B 30 0.27 -2.86 -16.36
C SER B 30 1.22 -1.71 -16.71
N ARG B 31 2.53 -1.86 -16.43
CA ARG B 31 3.52 -0.83 -16.73
C ARG B 31 4.18 -1.01 -18.12
N ASN B 32 3.77 -2.03 -18.88
CA ASN B 32 4.34 -2.31 -20.18
C ASN B 32 3.29 -2.40 -21.25
N ALA B 33 3.70 -2.13 -22.47
CA ALA B 33 2.90 -2.38 -23.64
C ALA B 33 3.03 -3.92 -23.85
N VAL B 34 1.97 -4.58 -24.26
CA VAL B 34 2.03 -6.03 -24.54
C VAL B 34 1.75 -6.22 -26.02
N GLY B 35 2.03 -7.41 -26.54
CA GLY B 35 1.79 -7.71 -27.94
C GLY B 35 1.92 -9.16 -28.32
N TRP B 36 1.32 -9.48 -29.47
CA TRP B 36 1.40 -10.80 -30.03
C TRP B 36 2.39 -10.77 -31.18
N TYR B 37 3.29 -11.75 -31.20
CA TYR B 37 4.33 -11.95 -32.21
C TYR B 37 4.08 -13.31 -32.88
N ARG B 38 4.59 -13.50 -34.10
CA ARG B 38 4.43 -14.79 -34.80
C ARG B 38 5.69 -15.23 -35.52
N GLN B 39 5.87 -16.55 -35.60
CA GLN B 39 7.03 -17.10 -36.30
C GLN B 39 6.66 -18.28 -37.17
N ALA B 40 6.73 -18.08 -38.50
CA ALA B 40 6.44 -19.12 -39.48
C ALA B 40 7.60 -20.13 -39.53
N PRO B 41 7.34 -21.38 -39.99
CA PRO B 41 8.44 -22.36 -40.05
C PRO B 41 9.51 -21.92 -41.06
N GLY B 42 10.72 -21.74 -40.58
CA GLY B 42 11.84 -21.31 -41.42
C GLY B 42 11.74 -19.85 -41.80
N LYS B 43 11.10 -19.03 -40.94
CA LYS B 43 10.94 -17.59 -41.17
C LYS B 43 11.19 -16.76 -39.91
N GLN B 44 11.51 -15.48 -40.07
CA GLN B 44 11.80 -14.56 -38.98
C GLN B 44 10.56 -14.28 -38.11
N ARG B 45 10.77 -13.80 -36.88
CA ARG B 45 9.68 -13.47 -35.97
C ARG B 45 9.25 -12.02 -36.21
N GLU B 46 7.94 -11.79 -36.31
CA GLU B 46 7.44 -10.43 -36.53
C GLU B 46 6.34 -10.08 -35.54
N LEU B 47 6.21 -8.79 -35.23
CA LEU B 47 5.17 -8.33 -34.32
C LEU B 47 3.88 -8.17 -35.11
N VAL B 48 2.86 -8.96 -34.77
CA VAL B 48 1.57 -8.89 -35.46
C VAL B 48 0.72 -7.74 -34.86
N ALA B 49 0.64 -7.63 -33.54
CA ALA B 49 -0.15 -6.59 -32.89
C ALA B 49 0.40 -6.18 -31.53
N ARG B 50 0.08 -4.97 -31.07
CA ARG B 50 0.51 -4.49 -29.77
C ARG B 50 -0.51 -3.56 -29.12
N SER B 51 -0.55 -3.55 -27.80
CA SER B 51 -1.48 -2.75 -27.03
C SER B 51 -0.70 -2.10 -25.88
N ASN B 52 -0.63 -0.76 -25.88
CA ASN B 52 0.14 -0.04 -24.86
C ASN B 52 -0.62 -0.01 -23.50
N THR B 53 -0.02 0.56 -22.46
CA THR B 53 -0.59 0.61 -21.12
C THR B 53 -2.02 1.21 -21.01
N VAL B 54 -2.45 2.03 -21.98
CA VAL B 54 -3.79 2.61 -21.96
C VAL B 54 -4.75 1.96 -22.96
N GLY B 55 -4.31 0.93 -23.67
CA GLY B 55 -5.16 0.22 -24.61
C GLY B 55 -5.02 0.66 -26.05
N ALA B 56 -4.13 1.62 -26.34
CA ALA B 56 -3.90 2.09 -27.70
C ALA B 56 -3.19 0.98 -28.48
N THR B 57 -3.75 0.58 -29.62
CA THR B 57 -3.22 -0.52 -30.41
C THR B 57 -2.47 -0.14 -31.70
N ASN B 58 -1.54 -1.02 -32.10
CA ASN B 58 -0.78 -0.90 -33.33
C ASN B 58 -0.72 -2.28 -34.01
N TYR B 59 -0.76 -2.33 -35.35
CA TYR B 59 -0.76 -3.60 -36.08
C TYR B 59 0.19 -3.62 -37.26
N ALA B 60 0.69 -4.80 -37.63
CA ALA B 60 1.53 -4.93 -38.82
C ALA B 60 0.58 -4.78 -40.02
N ASP B 61 0.99 -4.04 -41.07
CA ASP B 61 0.12 -3.84 -42.23
C ASP B 61 -0.40 -5.15 -42.86
N SER B 62 0.29 -6.28 -42.59
CA SER B 62 -0.09 -7.61 -43.06
C SER B 62 -1.37 -8.13 -42.40
N VAL B 63 -1.66 -7.68 -41.17
CA VAL B 63 -2.82 -8.18 -40.42
C VAL B 63 -3.89 -7.12 -40.11
N LYS B 64 -3.77 -5.89 -40.64
CA LYS B 64 -4.74 -4.84 -40.34
C LYS B 64 -6.16 -5.19 -40.82
N GLY B 65 -7.14 -4.82 -40.01
CA GLY B 65 -8.54 -5.08 -40.30
C GLY B 65 -8.99 -6.48 -39.91
N ARG B 66 -8.10 -7.46 -40.01
CA ARG B 66 -8.43 -8.85 -39.68
C ARG B 66 -8.12 -9.20 -38.22
N PHE B 67 -7.15 -8.51 -37.61
CA PHE B 67 -6.75 -8.80 -36.24
C PHE B 67 -7.05 -7.63 -35.31
N THR B 68 -7.49 -7.93 -34.07
CA THR B 68 -7.76 -6.94 -33.03
C THR B 68 -7.20 -7.46 -31.70
N ILE B 69 -6.25 -6.71 -31.10
CA ILE B 69 -5.64 -7.11 -29.83
C ILE B 69 -6.31 -6.42 -28.65
N SER B 70 -6.51 -7.15 -27.55
CA SER B 70 -7.04 -6.55 -26.32
C SER B 70 -6.23 -7.02 -25.10
N ARG B 71 -6.24 -6.23 -24.03
CA ARG B 71 -5.50 -6.57 -22.82
C ARG B 71 -6.38 -6.36 -21.59
N ASP B 72 -6.05 -7.04 -20.50
CA ASP B 72 -6.79 -6.91 -19.25
C ASP B 72 -5.79 -6.82 -18.12
N ASN B 73 -5.64 -5.63 -17.51
CA ASN B 73 -4.69 -5.47 -16.40
C ASN B 73 -5.14 -6.23 -15.15
N ASP B 74 -6.44 -6.39 -14.95
CA ASP B 74 -6.95 -7.08 -13.76
C ASP B 74 -6.64 -8.55 -13.76
N LYS B 75 -6.60 -9.18 -14.94
CA LYS B 75 -6.24 -10.59 -15.05
C LYS B 75 -4.81 -10.80 -15.60
N SER B 76 -4.10 -9.72 -16.00
CA SER B 76 -2.75 -9.73 -16.62
C SER B 76 -2.78 -10.67 -17.81
N THR B 77 -3.73 -10.42 -18.71
CA THR B 77 -3.98 -11.31 -19.83
C THR B 77 -4.13 -10.56 -21.14
N VAL B 78 -3.68 -11.18 -22.24
CA VAL B 78 -3.70 -10.58 -23.58
C VAL B 78 -4.55 -11.46 -24.49
N TYR B 79 -5.39 -10.85 -25.30
CA TYR B 79 -6.27 -11.56 -26.21
C TYR B 79 -6.05 -11.12 -27.65
N LEU B 80 -6.26 -12.05 -28.59
CA LEU B 80 -6.09 -11.76 -30.01
C LEU B 80 -7.22 -12.40 -30.81
N GLN B 81 -8.19 -11.58 -31.25
CA GLN B 81 -9.29 -12.09 -32.06
C GLN B 81 -8.83 -12.24 -33.50
N MET B 82 -8.69 -13.49 -33.95
CA MET B 82 -8.19 -13.81 -35.30
C MET B 82 -9.30 -13.98 -36.35
N ASN B 83 -9.91 -12.87 -36.79
CA ASN B 83 -10.97 -12.92 -37.79
C ASN B 83 -10.43 -13.14 -39.20
N SER B 84 -11.20 -13.86 -40.04
CA SER B 84 -10.87 -14.19 -41.43
C SER B 84 -9.43 -14.67 -41.61
N LEU B 85 -9.13 -15.86 -41.11
CA LEU B 85 -7.78 -16.43 -41.15
C LEU B 85 -7.36 -16.90 -42.55
N LYS B 86 -6.32 -16.27 -43.09
CA LYS B 86 -5.76 -16.63 -44.40
C LYS B 86 -4.57 -17.59 -44.19
N PRO B 87 -4.23 -18.46 -45.16
CA PRO B 87 -3.09 -19.37 -44.96
C PRO B 87 -1.79 -18.68 -44.58
N GLU B 88 -1.57 -17.44 -45.09
CA GLU B 88 -0.39 -16.62 -44.82
C GLU B 88 -0.16 -16.27 -43.34
N ASP B 89 -1.09 -16.66 -42.46
CA ASP B 89 -0.97 -16.48 -41.02
C ASP B 89 -0.45 -17.78 -40.33
N THR B 90 0.17 -18.70 -41.11
CA THR B 90 0.72 -19.97 -40.64
C THR B 90 1.91 -19.68 -39.76
N ALA B 91 1.74 -19.81 -38.44
CA ALA B 91 2.82 -19.53 -37.49
C ALA B 91 2.46 -19.99 -36.06
N VAL B 92 3.45 -20.08 -35.17
CA VAL B 92 3.21 -20.32 -33.76
C VAL B 92 3.17 -18.91 -33.14
N TYR B 93 2.04 -18.55 -32.52
CA TYR B 93 1.85 -17.21 -31.97
C TYR B 93 2.27 -17.10 -30.51
N TYR B 94 3.08 -16.07 -30.18
CA TYR B 94 3.62 -15.83 -28.85
C TYR B 94 3.15 -14.49 -28.28
N CYS B 95 2.96 -14.39 -26.97
CA CYS B 95 2.60 -13.13 -26.32
C CYS B 95 3.77 -12.67 -25.49
N ASN B 96 4.05 -11.37 -25.50
CA ASN B 96 5.15 -10.81 -24.71
C ASN B 96 4.98 -9.30 -24.50
N ILE B 97 5.86 -8.68 -23.69
CA ILE B 97 5.88 -7.23 -23.58
C ILE B 97 6.43 -6.67 -24.90
N TYR B 98 6.17 -5.41 -25.14
CA TYR B 98 6.67 -4.72 -26.29
C TYR B 98 7.49 -3.55 -25.76
N LEU B 99 8.74 -3.48 -26.19
CA LEU B 99 9.62 -2.40 -25.81
C LEU B 99 9.73 -1.48 -27.02
N TYR B 100 9.50 -0.17 -26.83
CA TYR B 100 9.61 0.82 -27.92
C TYR B 100 11.03 0.81 -28.47
N GLY B 101 11.15 0.78 -29.79
CA GLY B 101 12.44 0.72 -30.46
C GLY B 101 12.86 -0.68 -30.86
N ASP B 102 12.29 -1.71 -30.21
CA ASP B 102 12.65 -3.10 -30.52
C ASP B 102 11.98 -3.58 -31.82
N ARG B 103 10.64 -3.61 -31.88
CA ARG B 103 9.86 -3.96 -33.07
C ARG B 103 9.67 -5.46 -33.23
N THR B 104 10.75 -6.25 -33.21
CA THR B 104 10.63 -7.70 -33.37
C THR B 104 10.72 -8.49 -32.05
N GLY B 105 10.85 -7.80 -30.92
CA GLY B 105 10.99 -8.44 -29.61
C GLY B 105 12.29 -9.21 -29.46
N SER B 106 13.33 -8.83 -30.25
CA SER B 106 14.63 -9.50 -30.27
C SER B 106 15.46 -9.31 -29.00
N THR B 107 15.23 -8.20 -28.30
CA THR B 107 15.96 -7.85 -27.09
C THR B 107 15.40 -8.56 -25.84
N LEU B 108 14.20 -9.16 -25.92
CA LEU B 108 13.56 -9.86 -24.80
C LEU B 108 14.28 -11.19 -24.51
N ASN B 109 14.33 -11.58 -23.22
CA ASN B 109 15.04 -12.80 -22.81
C ASN B 109 14.14 -14.01 -22.64
N SER B 110 12.92 -13.81 -22.12
CA SER B 110 12.02 -14.94 -21.85
C SER B 110 10.78 -14.98 -22.73
N TRP B 111 10.54 -16.12 -23.35
CA TRP B 111 9.37 -16.38 -24.20
C TRP B 111 8.68 -17.66 -23.74
N GLY B 112 7.39 -17.74 -24.00
CA GLY B 112 6.61 -18.93 -23.74
C GLY B 112 6.73 -19.90 -24.90
N GLN B 113 6.00 -21.01 -24.83
CA GLN B 113 6.05 -22.03 -25.87
C GLN B 113 5.20 -21.71 -27.12
N GLY B 114 4.33 -20.73 -27.01
CA GLY B 114 3.45 -20.32 -28.09
C GLY B 114 2.23 -21.19 -28.27
N THR B 115 1.38 -20.83 -29.21
CA THR B 115 0.18 -21.60 -29.52
C THR B 115 0.11 -21.73 -31.03
N GLN B 116 0.08 -22.98 -31.52
CA GLN B 116 0.08 -23.24 -32.95
C GLN B 116 -1.24 -22.90 -33.61
N VAL B 117 -1.19 -22.13 -34.70
CA VAL B 117 -2.35 -21.75 -35.48
C VAL B 117 -2.20 -22.32 -36.88
N THR B 118 -3.05 -23.31 -37.22
CA THR B 118 -2.99 -23.98 -38.52
C THR B 118 -4.28 -23.81 -39.34
N VAL B 119 -4.20 -23.03 -40.42
CA VAL B 119 -5.29 -22.75 -41.35
C VAL B 119 -5.00 -23.37 -42.73
N SER B 120 -5.74 -24.42 -43.09
CA SER B 120 -5.54 -25.14 -44.35
C SER B 120 -6.02 -24.36 -45.58
N GLN C 1 38.31 -9.38 17.25
CA GLN C 1 38.85 -8.25 16.50
C GLN C 1 40.05 -8.65 15.64
N VAL C 2 40.30 -7.90 14.56
CA VAL C 2 41.41 -8.17 13.66
C VAL C 2 42.43 -7.03 13.76
N GLN C 3 43.72 -7.35 13.88
CA GLN C 3 44.76 -6.32 13.98
C GLN C 3 45.57 -6.14 12.70
N LEU C 4 45.96 -4.89 12.40
CA LEU C 4 46.73 -4.59 11.19
C LEU C 4 48.14 -4.11 11.51
N VAL C 5 49.15 -4.92 11.16
CA VAL C 5 50.55 -4.56 11.39
C VAL C 5 51.21 -4.21 10.06
N GLU C 6 51.50 -2.92 9.83
CA GLU C 6 52.11 -2.49 8.58
C GLU C 6 53.63 -2.31 8.69
N SER C 7 54.35 -2.69 7.63
CA SER C 7 55.81 -2.59 7.62
C SER C 7 56.34 -2.34 6.20
N GLY C 8 57.19 -1.33 6.06
CA GLY C 8 57.79 -0.99 4.77
C GLY C 8 58.00 0.49 4.54
N GLY C 9 57.99 1.28 5.60
CA GLY C 9 58.20 2.71 5.51
C GLY C 9 59.57 3.15 5.97
N GLY C 10 60.24 3.96 5.16
CA GLY C 10 61.57 4.46 5.49
C GLY C 10 61.83 5.86 4.99
N LEU C 11 63.09 6.14 4.60
CA LEU C 11 63.48 7.45 4.11
C LEU C 11 63.96 7.36 2.66
N VAL C 12 63.06 7.59 1.69
CA VAL C 12 63.42 7.53 0.28
C VAL C 12 63.72 8.91 -0.32
N GLN C 13 64.43 8.96 -1.46
CA GLN C 13 64.77 10.23 -2.11
C GLN C 13 63.71 10.65 -3.15
N ALA C 14 63.81 11.91 -3.65
CA ALA C 14 62.88 12.47 -4.63
C ALA C 14 62.94 11.78 -5.99
N GLY C 15 61.98 10.90 -6.24
CA GLY C 15 61.90 10.17 -7.50
C GLY C 15 62.22 8.69 -7.42
N GLY C 16 62.26 8.15 -6.21
CA GLY C 16 62.55 6.75 -5.98
C GLY C 16 61.31 5.88 -5.82
N SER C 17 61.48 4.69 -5.25
CA SER C 17 60.37 3.77 -5.06
C SER C 17 60.40 3.11 -3.68
N LEU C 18 59.24 2.85 -3.09
CA LEU C 18 59.15 2.21 -1.79
C LEU C 18 57.94 1.29 -1.72
N ARG C 19 58.11 0.08 -1.18
CA ARG C 19 57.01 -0.87 -1.06
C ARG C 19 56.66 -1.13 0.39
N LEU C 20 55.38 -0.99 0.75
CA LEU C 20 54.95 -1.23 2.13
C LEU C 20 53.85 -2.28 2.20
N SER C 21 53.93 -3.16 3.21
CA SER C 21 52.98 -4.26 3.37
C SER C 21 52.11 -4.13 4.62
N CYS C 22 50.99 -4.87 4.69
CA CYS C 22 50.09 -4.86 5.84
C CYS C 22 49.58 -6.27 6.17
N VAL C 23 50.08 -6.87 7.25
CA VAL C 23 49.67 -8.21 7.65
C VAL C 23 48.51 -8.17 8.66
N ALA C 24 47.40 -8.85 8.34
CA ALA C 24 46.24 -8.91 9.24
C ALA C 24 46.14 -10.28 9.93
N SER C 25 45.43 -10.34 11.07
CA SER C 25 45.27 -11.61 11.78
C SER C 25 43.93 -11.68 12.54
N GLY C 26 43.00 -12.47 12.01
CA GLY C 26 41.68 -12.64 12.60
C GLY C 26 40.80 -13.66 11.90
N GLY C 27 40.09 -13.22 10.86
CA GLY C 27 39.19 -14.07 10.10
C GLY C 27 39.52 -14.20 8.63
N THR C 28 38.48 -14.29 7.78
CA THR C 28 38.65 -14.43 6.34
C THR C 28 39.06 -13.10 5.70
N PHE C 29 40.33 -12.98 5.28
CA PHE C 29 40.89 -11.77 4.67
C PHE C 29 40.32 -11.46 3.28
N SER C 30 39.97 -12.50 2.51
CA SER C 30 39.47 -12.37 1.15
C SER C 30 38.02 -11.87 1.01
N ASN C 31 37.30 -11.66 2.12
CA ASN C 31 35.91 -11.21 2.05
C ASN C 31 35.70 -9.73 2.33
N TYR C 32 36.76 -9.00 2.69
CA TYR C 32 36.64 -7.57 3.01
C TYR C 32 37.61 -6.72 2.17
N GLY C 33 37.23 -5.49 1.90
CA GLY C 33 38.06 -4.58 1.12
C GLY C 33 39.18 -3.95 1.92
N MET C 34 40.29 -3.61 1.26
CA MET C 34 41.43 -2.98 1.95
C MET C 34 41.66 -1.57 1.45
N GLY C 35 42.05 -0.67 2.34
CA GLY C 35 42.29 0.72 1.97
C GLY C 35 43.50 1.34 2.63
N TRP C 36 44.31 2.07 1.85
CA TRP C 36 45.49 2.77 2.35
C TRP C 36 45.16 4.24 2.55
N PHE C 37 45.36 4.74 3.77
CA PHE C 37 45.07 6.15 4.10
C PHE C 37 46.32 6.84 4.67
N ARG C 38 46.39 8.18 4.57
CA ARG C 38 47.55 8.91 5.09
C ARG C 38 47.18 10.23 5.77
N GLN C 39 48.01 10.69 6.70
CA GLN C 39 47.76 11.95 7.39
C GLN C 39 49.06 12.72 7.60
N ALA C 40 49.23 13.83 6.88
CA ALA C 40 50.43 14.65 6.99
C ALA C 40 50.44 15.37 8.34
N PRO C 41 51.61 15.58 8.96
CA PRO C 41 51.67 16.24 10.27
C PRO C 41 51.09 17.66 10.26
N GLY C 42 49.87 17.80 10.77
CA GLY C 42 49.17 19.07 10.83
C GLY C 42 47.93 19.15 9.96
N LYS C 43 47.71 18.15 9.09
CA LYS C 43 46.55 18.13 8.19
C LYS C 43 45.55 17.00 8.55
N GLU C 44 44.42 16.90 7.83
CA GLU C 44 43.40 15.87 8.08
C GLU C 44 43.69 14.55 7.34
N ARG C 45 42.94 13.48 7.64
CA ARG C 45 43.10 12.17 7.00
C ARG C 45 42.67 12.19 5.54
N GLU C 46 43.51 11.62 4.66
CA GLU C 46 43.25 11.60 3.21
C GLU C 46 43.45 10.19 2.63
N PHE C 47 42.50 9.77 1.78
CA PHE C 47 42.50 8.47 1.10
C PHE C 47 43.58 8.43 0.00
N VAL C 48 44.24 7.28 -0.19
CA VAL C 48 45.27 7.17 -1.22
C VAL C 48 44.91 6.06 -2.26
N ALA C 49 44.51 4.85 -1.80
CA ALA C 49 44.17 3.75 -2.71
C ALA C 49 43.28 2.70 -2.03
N ALA C 50 42.49 1.98 -2.82
CA ALA C 50 41.61 0.94 -2.30
C ALA C 50 41.54 -0.25 -3.22
N VAL C 51 41.50 -1.46 -2.65
CA VAL C 51 41.38 -2.67 -3.44
C VAL C 51 40.07 -3.37 -3.06
N ARG C 52 39.31 -3.78 -4.07
CA ARG C 52 38.04 -4.48 -3.88
C ARG C 52 38.30 -5.84 -3.22
N TRP C 53 37.36 -6.32 -2.40
CA TRP C 53 37.47 -7.61 -1.71
C TRP C 53 37.84 -8.76 -2.66
N SER C 54 37.39 -8.68 -3.93
CA SER C 54 37.58 -9.69 -4.96
C SER C 54 38.60 -9.33 -6.03
N GLY C 55 39.40 -8.29 -5.81
CA GLY C 55 40.35 -7.80 -6.82
C GLY C 55 39.61 -7.28 -8.04
N ASP C 56 40.22 -7.40 -9.23
CA ASP C 56 39.70 -7.02 -10.57
C ASP C 56 39.18 -5.56 -10.67
N SER C 57 39.35 -4.75 -9.62
CA SER C 57 38.93 -3.36 -9.57
C SER C 57 39.69 -2.63 -8.48
N THR C 58 40.43 -1.60 -8.86
CA THR C 58 41.21 -0.82 -7.90
C THR C 58 40.87 0.68 -8.00
N TYR C 59 40.90 1.38 -6.87
CA TYR C 59 40.58 2.81 -6.83
C TYR C 59 41.81 3.62 -6.45
N TYR C 60 42.03 4.78 -7.10
CA TYR C 60 43.20 5.60 -6.79
C TYR C 60 42.84 7.06 -6.53
N SER C 61 43.51 7.69 -5.55
CA SER C 61 43.34 9.09 -5.19
C SER C 61 43.70 9.96 -6.39
N ASP C 62 42.87 10.96 -6.68
CA ASP C 62 43.08 11.86 -7.83
C ASP C 62 44.45 12.54 -7.84
N SER C 63 45.09 12.68 -6.67
CA SER C 63 46.41 13.31 -6.57
C SER C 63 47.57 12.32 -6.71
N VAL C 64 47.30 11.01 -6.63
CA VAL C 64 48.34 9.97 -6.69
C VAL C 64 48.14 8.96 -7.85
N LYS C 65 47.14 9.18 -8.71
CA LYS C 65 46.82 8.31 -9.84
C LYS C 65 47.93 8.25 -10.90
N GLY C 66 48.39 7.05 -11.21
CA GLY C 66 49.46 6.84 -12.19
C GLY C 66 50.78 6.44 -11.55
N ARG C 67 51.01 6.93 -10.31
CA ARG C 67 52.24 6.65 -9.57
C ARG C 67 52.15 5.37 -8.73
N PHE C 68 51.08 5.24 -7.92
CA PHE C 68 50.93 4.11 -7.02
C PHE C 68 50.12 2.97 -7.64
N THR C 69 50.29 1.75 -7.10
CA THR C 69 49.56 0.58 -7.58
C THR C 69 49.20 -0.33 -6.39
N ILE C 70 47.89 -0.48 -6.11
CA ILE C 70 47.42 -1.33 -5.01
C ILE C 70 47.13 -2.74 -5.50
N SER C 71 47.58 -3.74 -4.73
CA SER C 71 47.41 -5.15 -5.04
C SER C 71 47.22 -5.96 -3.75
N ARG C 72 46.70 -7.20 -3.85
CA ARG C 72 46.49 -8.02 -2.66
C ARG C 72 46.87 -9.48 -2.86
N ASP C 73 47.23 -10.15 -1.75
CA ASP C 73 47.57 -11.57 -1.75
C ASP C 73 46.79 -12.24 -0.62
N ASN C 74 45.64 -12.86 -0.97
CA ASN C 74 44.78 -13.53 0.00
C ASN C 74 45.43 -14.77 0.63
N ALA C 75 46.38 -15.41 -0.09
CA ALA C 75 47.11 -16.58 0.40
C ALA C 75 48.01 -16.23 1.58
N LYS C 76 48.60 -15.02 1.56
CA LYS C 76 49.47 -14.56 2.65
C LYS C 76 48.85 -13.37 3.41
N ASN C 77 47.50 -13.21 3.35
CA ASN C 77 46.67 -12.16 3.97
C ASN C 77 47.42 -10.83 4.16
N THR C 78 47.99 -10.29 3.08
CA THR C 78 48.78 -9.06 3.14
C THR C 78 48.39 -8.05 2.06
N VAL C 79 48.30 -6.76 2.45
CA VAL C 79 47.95 -5.65 1.54
C VAL C 79 49.24 -5.04 1.00
N TYR C 80 49.33 -4.84 -0.32
CA TYR C 80 50.52 -4.25 -0.92
C TYR C 80 50.24 -2.92 -1.64
N LEU C 81 51.26 -2.06 -1.74
CA LEU C 81 51.15 -0.77 -2.42
C LEU C 81 52.49 -0.34 -3.02
N GLN C 82 52.63 -0.50 -4.35
CA GLN C 82 53.85 -0.14 -5.06
C GLN C 82 53.90 1.36 -5.36
N MET C 83 54.73 2.10 -4.62
CA MET C 83 54.86 3.53 -4.82
C MET C 83 56.00 3.84 -5.78
N ASN C 84 55.70 4.43 -6.95
CA ASN C 84 56.72 4.74 -7.95
C ASN C 84 56.85 6.26 -8.17
N GLY C 85 58.09 6.75 -8.18
CA GLY C 85 58.38 8.17 -8.37
C GLY C 85 57.92 9.02 -7.21
N LEU C 86 58.23 8.59 -5.98
CA LEU C 86 57.84 9.27 -4.74
C LEU C 86 58.33 10.70 -4.61
N LYS C 87 57.39 11.64 -4.41
CA LYS C 87 57.71 13.07 -4.26
C LYS C 87 57.58 13.56 -2.80
N PRO C 88 58.23 14.68 -2.42
CA PRO C 88 58.15 15.14 -1.02
C PRO C 88 56.77 15.62 -0.57
N GLU C 89 55.90 16.06 -1.51
CA GLU C 89 54.57 16.55 -1.18
C GLU C 89 53.63 15.51 -0.59
N ASP C 90 53.94 14.21 -0.76
CA ASP C 90 53.12 13.15 -0.18
C ASP C 90 53.76 12.54 1.08
N THR C 91 54.49 13.37 1.84
CA THR C 91 55.12 12.92 3.08
C THR C 91 54.07 12.86 4.18
N ALA C 92 53.68 11.65 4.59
CA ALA C 92 52.64 11.47 5.60
C ALA C 92 52.77 10.09 6.31
N VAL C 93 52.06 9.90 7.44
CA VAL C 93 52.05 8.61 8.13
C VAL C 93 51.05 7.74 7.37
N TYR C 94 51.51 6.61 6.80
CA TYR C 94 50.63 5.76 6.01
C TYR C 94 49.96 4.66 6.84
N TYR C 95 48.72 4.93 7.32
CA TYR C 95 47.92 3.97 8.09
C TYR C 95 47.20 3.01 7.13
N CYS C 96 46.82 1.83 7.62
CA CYS C 96 46.08 0.87 6.80
C CYS C 96 44.72 0.55 7.40
N ALA C 97 43.74 0.16 6.55
CA ALA C 97 42.39 -0.13 7.06
C ALA C 97 41.66 -1.30 6.37
N ARG C 98 40.93 -2.10 7.15
CA ARG C 98 40.13 -3.21 6.65
C ARG C 98 38.65 -2.85 6.80
N ARG C 99 37.83 -3.15 5.78
CA ARG C 99 36.40 -2.86 5.80
C ARG C 99 35.64 -3.69 6.82
N LEU C 100 34.61 -3.10 7.43
CA LEU C 100 33.77 -3.81 8.38
C LEU C 100 32.84 -4.78 7.64
N ASN C 101 32.30 -4.35 6.50
CA ASN C 101 31.29 -5.05 5.72
C ASN C 101 31.78 -6.14 4.75
N TRP C 102 31.15 -7.32 4.87
CA TRP C 102 31.39 -8.52 4.07
C TRP C 102 30.93 -8.32 2.64
N ARG C 103 31.88 -8.32 1.69
CA ARG C 103 31.67 -8.21 0.24
C ARG C 103 31.00 -6.93 -0.22
N PHE C 104 31.20 -5.84 0.52
CA PHE C 104 30.67 -4.54 0.12
C PHE C 104 31.76 -3.81 -0.69
N ILE C 105 31.34 -3.09 -1.75
CA ILE C 105 32.26 -2.38 -2.63
C ILE C 105 32.07 -0.86 -2.61
N SER C 106 30.86 -0.37 -2.26
CA SER C 106 30.52 1.06 -2.25
C SER C 106 31.29 1.88 -1.22
N ASN C 107 31.48 3.19 -1.49
CA ASN C 107 32.17 4.14 -0.64
C ASN C 107 33.55 3.66 -0.19
N TRP C 108 34.41 3.29 -1.16
CA TRP C 108 35.77 2.82 -0.88
C TRP C 108 36.70 3.87 -0.25
N ASP C 109 36.36 5.16 -0.43
CA ASP C 109 37.15 6.27 0.07
C ASP C 109 36.65 6.86 1.39
N LYS C 110 35.47 6.45 1.87
CA LYS C 110 34.92 6.98 3.11
C LYS C 110 35.42 6.21 4.35
N GLU C 111 35.86 6.97 5.38
CA GLU C 111 36.38 6.44 6.65
C GLU C 111 35.36 5.57 7.41
N SER C 112 34.05 5.86 7.24
CA SER C 112 32.96 5.13 7.88
C SER C 112 32.89 3.66 7.46
N GLU C 113 33.39 3.33 6.26
CA GLU C 113 33.36 1.96 5.74
C GLU C 113 34.52 1.07 6.21
N TYR C 114 35.30 1.53 7.19
CA TYR C 114 36.43 0.74 7.69
C TYR C 114 36.39 0.70 9.21
N ALA C 115 36.25 -0.49 9.80
CA ALA C 115 36.20 -0.62 11.25
C ALA C 115 37.56 -0.89 11.89
N TYR C 116 38.49 -1.51 11.15
CA TYR C 116 39.80 -1.82 11.69
C TYR C 116 40.90 -0.93 11.10
N TRP C 117 41.75 -0.35 11.97
CA TRP C 117 42.81 0.57 11.56
C TRP C 117 44.19 0.23 12.14
N GLY C 118 45.23 0.59 11.41
CA GLY C 118 46.60 0.37 11.83
C GLY C 118 47.23 1.62 12.40
N GLN C 119 48.39 1.46 13.08
CA GLN C 119 49.09 2.60 13.69
C GLN C 119 49.86 3.48 12.69
N GLY C 120 49.97 3.05 11.44
CA GLY C 120 50.64 3.78 10.38
C GLY C 120 52.15 3.76 10.39
N THR C 121 52.75 3.54 9.22
CA THR C 121 54.20 3.56 9.08
C THR C 121 54.66 4.89 8.48
N GLN C 122 55.70 5.50 9.05
CA GLN C 122 56.18 6.80 8.58
C GLN C 122 56.98 6.71 7.28
N VAL C 123 56.55 7.44 6.25
CA VAL C 123 57.26 7.49 4.97
C VAL C 123 57.69 8.93 4.72
N THR C 124 58.97 9.24 4.92
CA THR C 124 59.48 10.60 4.72
C THR C 124 60.34 10.70 3.46
N VAL C 125 59.85 11.43 2.45
CA VAL C 125 60.61 11.62 1.22
C VAL C 125 61.54 12.84 1.30
C ACT D . -7.26 -33.94 -5.38
O ACT D . -6.76 -34.95 -6.01
OXT ACT D . -7.58 -33.84 -4.20
CH3 ACT D . -7.51 -32.68 -6.13
H1 ACT D . -8.57 -32.44 -6.11
H2 ACT D . -7.21 -32.78 -7.18
H3 ACT D . -6.95 -31.84 -5.70
C ACT E . 19.33 -15.66 -6.87
O ACT E . 20.34 -15.55 -7.57
OXT ACT E . 18.12 -15.81 -7.21
CH3 ACT E . 19.56 -15.67 -5.39
H1 ACT E . 20.51 -16.18 -5.17
H2 ACT E . 18.76 -16.18 -4.87
H3 ACT E . 19.63 -14.65 -5.00
C ACT F . -17.51 -25.42 7.61
O ACT F . -17.31 -25.05 8.79
OXT ACT F . -16.92 -25.03 6.59
CH3 ACT F . -18.64 -26.44 7.43
H1 ACT F . -18.20 -27.41 7.16
H2 ACT F . -19.31 -26.12 6.62
H3 ACT F . -19.22 -26.54 8.35
C ACT G . -12.01 -16.28 -19.03
O ACT G . -11.24 -15.41 -18.49
OXT ACT G . -12.70 -16.20 -20.10
CH3 ACT G . -12.13 -17.60 -18.28
H1 ACT G . -11.13 -18.05 -18.18
H2 ACT G . -12.78 -18.29 -18.81
H3 ACT G . -12.54 -17.44 -17.28
C ACT H . -55.26 0.00 -11.87
O ACT H . -54.29 0.18 -12.65
OXT ACT H . -56.03 0.83 -11.31
CH3 ACT H . -55.57 -1.41 -11.52
H1 ACT H . -54.65 -1.99 -11.51
H2 ACT H . -56.26 -1.84 -12.26
H3 ACT H . -56.04 -1.47 -10.54
CA CA I . -15.91 -8.79 -10.47
CA CA J . -0.58 4.44 15.48
CA CA K . -40.52 -8.00 -13.01
S SO4 L . 7.93 -1.37 18.77
O1 SO4 L . 8.88 -2.41 19.22
O2 SO4 L . 7.72 -0.50 19.93
O3 SO4 L . 6.64 -2.02 18.45
O4 SO4 L . 8.42 -0.58 17.62
S SO4 M . 1.07 -0.52 32.44
O1 SO4 M . 2.16 -0.29 33.40
O2 SO4 M . 0.77 -1.96 32.36
O3 SO4 M . -0.14 0.21 32.86
O4 SO4 M . 1.42 -0.12 31.06
S SO4 N . 2.60 -8.93 -13.58
O1 SO4 N . 3.27 -9.81 -12.63
O2 SO4 N . 3.19 -9.11 -14.92
O3 SO4 N . 2.72 -7.50 -13.18
O4 SO4 N . 1.16 -9.26 -13.62
S SO4 O . -2.47 -25.14 -26.22
O1 SO4 O . -1.09 -24.90 -25.83
O2 SO4 O . -2.62 -26.50 -26.74
O3 SO4 O . -3.39 -24.96 -25.08
O4 SO4 O . -2.85 -24.19 -27.30
#